data_7A5E
#
_entry.id   7A5E
#
_cell.length_a   100.03
_cell.length_b   102.2
_cell.length_c   140.95
_cell.angle_alpha   90
_cell.angle_beta   90
_cell.angle_gamma   90
#
_symmetry.space_group_name_H-M   'C 2 2 21'
#
loop_
_entity.id
_entity.type
_entity.pdbx_description
1 polymer 'Osmotic avoidance abnormal protein 3'
2 non-polymer 'PHOSPHOAMINOPHOSPHONIC ACID-ADENYLATE ESTER'
3 non-polymer 'MAGNESIUM ION'
4 non-polymer 'SULFATE ION'
5 non-polymer GLYCEROL
6 water water
#
_entity_poly.entity_id   1
_entity_poly.type   'polypeptide(L)'
_entity_poly.pdbx_seq_one_letter_code
;MAAESVRVAVRCRPFNQREKDLNTTLCVGMTPNVGQVNLNAPDGAAKDFTFDGAYFMDSTGEQIYNDIVFPLVENVIEGY
NGTVFAYGQTGSGKTFSMQGIETIPAQRGVIPRAFDHIFTATATTENVKFLVHCSYLEIYNEEVRDLLGADNKQKLEIKE
QPDRGVYVAGLSMHVCHDVPACKELMTRGFNNRHVGATLMNKDSSRSHSIFTVYVEGMTETGSIRMGKLNLVDLAGSERQ
SKTGATGDRLKEATKINLSLSALGNVISALVDGKSKHIPYRDSKLTRLLQDSLGGNTKTIMIACVSPSSDNYDETLSTLR
YANRAKNIKNKPTINEDPLEHHHHHH
;
_entity_poly.pdbx_strand_id   A,B
#
# COMPACT_ATOMS: atom_id res chain seq x y z
N ALA A 2 18.42 20.87 -5.01
CA ALA A 2 17.83 21.30 -3.74
C ALA A 2 16.27 21.17 -3.77
N ALA A 3 15.61 21.31 -2.61
CA ALA A 3 14.15 21.20 -2.53
C ALA A 3 13.48 22.41 -3.15
N GLU A 4 12.31 22.19 -3.76
CA GLU A 4 11.53 23.28 -4.34
C GLU A 4 10.11 23.29 -3.77
N SER A 5 9.51 24.48 -3.70
CA SER A 5 8.18 24.65 -3.16
C SER A 5 7.09 24.17 -4.10
N VAL A 6 5.96 23.77 -3.52
CA VAL A 6 4.74 23.47 -4.27
C VAL A 6 4.24 24.85 -4.82
N ARG A 7 3.84 24.90 -6.09
CA ARG A 7 3.34 26.15 -6.67
C ARG A 7 1.82 26.27 -6.51
N VAL A 8 1.34 27.49 -6.19
CA VAL A 8 -0.08 27.71 -5.92
C VAL A 8 -0.67 28.88 -6.74
N ALA A 9 -1.81 28.62 -7.37
CA ALA A 9 -2.53 29.67 -8.09
C ALA A 9 -3.95 29.72 -7.56
N VAL A 10 -4.53 30.92 -7.49
CA VAL A 10 -5.90 31.09 -7.05
C VAL A 10 -6.76 31.51 -8.23
N ARG A 11 -7.95 30.92 -8.37
CA ARG A 11 -8.88 31.27 -9.43
C ARG A 11 -10.24 31.68 -8.85
N CYS A 12 -10.66 32.91 -9.12
CA CYS A 12 -11.96 33.40 -8.68
C CYS A 12 -12.91 33.38 -9.89
N ARG A 13 -13.98 32.59 -9.82
CA ARG A 13 -14.94 32.45 -10.91
C ARG A 13 -15.97 33.62 -10.90
N PRO A 14 -16.76 33.80 -11.98
CA PRO A 14 -17.81 34.83 -11.93
C PRO A 14 -18.93 34.40 -10.96
N PHE A 15 -19.80 35.32 -10.58
CA PHE A 15 -20.91 35.01 -9.67
C PHE A 15 -21.83 33.93 -10.23
N ASN A 16 -22.44 33.14 -9.36
CA ASN A 16 -23.43 32.15 -9.80
C ASN A 16 -24.86 32.68 -9.49
N GLN A 17 -25.90 31.97 -9.94
CA GLN A 17 -27.27 32.43 -9.79
C GLN A 17 -27.73 32.55 -8.33
N ARG A 18 -27.30 31.59 -7.49
CA ARG A 18 -27.59 31.55 -6.05
C ARG A 18 -27.11 32.85 -5.39
N GLU A 19 -25.86 33.25 -5.69
CA GLU A 19 -25.22 34.46 -5.17
C GLU A 19 -25.89 35.75 -5.66
N LYS A 20 -26.38 35.79 -6.90
CA LYS A 20 -27.08 36.97 -7.42
C LYS A 20 -28.47 37.12 -6.78
N ASP A 21 -29.18 35.99 -6.60
CA ASP A 21 -30.52 35.97 -5.97
C ASP A 21 -30.46 36.44 -4.50
N LEU A 22 -29.37 36.08 -3.81
CA LEU A 22 -29.14 36.45 -2.42
C LEU A 22 -28.70 37.94 -2.27
N ASN A 23 -28.43 38.64 -3.39
CA ASN A 23 -27.99 40.03 -3.47
C ASN A 23 -26.66 40.23 -2.76
N THR A 24 -25.75 39.30 -2.97
CA THR A 24 -24.43 39.35 -2.36
C THR A 24 -23.49 40.35 -3.06
N THR A 25 -22.38 40.70 -2.40
CA THR A 25 -21.42 41.65 -2.98
C THR A 25 -20.08 40.98 -3.30
N LEU A 26 -19.25 41.63 -4.12
CA LEU A 26 -17.94 41.11 -4.48
C LEU A 26 -17.00 41.35 -3.31
N CYS A 27 -16.49 40.26 -2.71
CA CYS A 27 -15.56 40.37 -1.59
C CYS A 27 -14.12 39.96 -1.96
N VAL A 28 -13.88 39.53 -3.21
CA VAL A 28 -12.55 39.13 -3.67
C VAL A 28 -11.95 40.20 -4.58
N GLY A 29 -10.70 40.55 -4.32
CA GLY A 29 -9.95 41.50 -5.13
C GLY A 29 -8.66 40.86 -5.60
N MET A 30 -8.12 41.33 -6.75
CA MET A 30 -6.87 40.75 -7.26
C MET A 30 -6.00 41.75 -8.02
N THR A 31 -4.68 41.53 -7.97
CA THR A 31 -3.71 42.28 -8.77
C THR A 31 -2.91 41.16 -9.43
N PRO A 32 -3.40 40.68 -10.59
CA PRO A 32 -2.79 39.49 -11.21
C PRO A 32 -1.31 39.55 -11.56
N ASN A 33 -0.82 40.69 -12.07
CA ASN A 33 0.59 40.80 -12.48
C ASN A 33 1.60 40.66 -11.31
N VAL A 34 1.12 40.68 -10.07
CA VAL A 34 2.00 40.47 -8.91
C VAL A 34 1.53 39.27 -8.02
N GLY A 35 0.56 38.47 -8.49
CA GLY A 35 0.02 37.31 -7.79
C GLY A 35 -0.76 37.63 -6.54
N GLN A 36 -1.18 38.90 -6.38
CA GLN A 36 -1.90 39.32 -5.18
C GLN A 36 -3.41 39.05 -5.20
N VAL A 37 -3.93 38.60 -4.06
CA VAL A 37 -5.34 38.30 -3.82
C VAL A 37 -5.71 38.91 -2.47
N ASN A 38 -6.85 39.59 -2.39
CA ASN A 38 -7.34 40.14 -1.14
C ASN A 38 -8.78 39.70 -0.91
N LEU A 39 -9.11 39.49 0.37
CA LEU A 39 -10.46 39.08 0.77
C LEU A 39 -10.98 40.16 1.71
N ASN A 40 -12.12 40.76 1.36
CA ASN A 40 -12.69 41.85 2.15
C ASN A 40 -13.84 41.41 3.03
N ALA A 41 -13.77 41.76 4.31
CA ALA A 41 -14.83 41.46 5.27
C ALA A 41 -15.96 42.48 5.12
N PRO A 42 -17.18 42.21 5.64
CA PRO A 42 -18.28 43.20 5.48
C PRO A 42 -17.96 44.61 5.98
N ASP A 43 -17.16 44.75 7.06
CA ASP A 43 -16.78 46.06 7.60
C ASP A 43 -15.81 46.82 6.67
N GLY A 44 -15.05 46.11 5.84
CA GLY A 44 -14.10 46.72 4.92
C GLY A 44 -12.66 46.31 5.12
N ALA A 45 -12.36 45.63 6.24
CA ALA A 45 -10.99 45.18 6.54
C ALA A 45 -10.57 44.10 5.54
N ALA A 46 -9.33 44.20 5.01
CA ALA A 46 -8.86 43.26 4.02
C ALA A 46 -7.71 42.37 4.50
N LYS A 47 -7.70 41.12 4.03
CA LYS A 47 -6.64 40.15 4.30
C LYS A 47 -5.90 39.95 2.97
N ASP A 48 -4.62 40.31 2.95
CA ASP A 48 -3.81 40.24 1.73
C ASP A 48 -2.98 38.95 1.66
N PHE A 49 -2.88 38.38 0.45
CA PHE A 49 -2.12 37.16 0.19
C PHE A 49 -1.33 37.27 -1.12
N THR A 50 -0.24 36.52 -1.25
CA THR A 50 0.53 36.47 -2.49
C THR A 50 0.67 35.01 -2.93
N PHE A 51 0.41 34.74 -4.20
CA PHE A 51 0.48 33.41 -4.79
C PHE A 51 1.29 33.44 -6.07
N ASP A 52 1.62 32.25 -6.61
CA ASP A 52 2.35 32.15 -7.88
C ASP A 52 1.50 32.59 -9.09
N GLY A 53 0.18 32.52 -8.95
CA GLY A 53 -0.79 32.97 -9.96
C GLY A 53 -2.06 33.45 -9.31
N ALA A 54 -2.66 34.51 -9.85
CA ALA A 54 -3.93 35.06 -9.38
C ALA A 54 -4.78 35.29 -10.63
N TYR A 55 -5.88 34.56 -10.74
CA TYR A 55 -6.76 34.59 -11.90
C TYR A 55 -8.15 35.04 -11.49
N PHE A 56 -8.63 36.15 -12.08
CA PHE A 56 -9.94 36.72 -11.69
C PHE A 56 -11.11 36.17 -12.54
N MET A 57 -12.33 36.74 -12.37
CA MET A 57 -13.59 36.33 -13.00
C MET A 57 -13.56 36.26 -14.52
N ASP A 58 -12.64 37.01 -15.20
CA ASP A 58 -12.47 36.96 -16.64
C ASP A 58 -11.41 35.98 -17.13
N SER A 59 -10.71 35.29 -16.22
CA SER A 59 -9.65 34.34 -16.56
C SER A 59 -10.12 33.14 -17.37
N THR A 60 -9.22 32.62 -18.19
CA THR A 60 -9.51 31.49 -19.03
C THR A 60 -8.60 30.30 -18.69
N GLY A 61 -9.04 29.11 -19.06
CA GLY A 61 -8.24 27.90 -18.91
C GLY A 61 -6.97 27.98 -19.73
N GLU A 62 -7.04 28.66 -20.89
CA GLU A 62 -5.88 28.86 -21.76
C GLU A 62 -4.78 29.62 -21.02
N GLN A 63 -5.15 30.75 -20.37
CA GLN A 63 -4.24 31.56 -19.59
C GLN A 63 -3.61 30.75 -18.46
N ILE A 64 -4.44 30.06 -17.66
CA ILE A 64 -3.95 29.29 -16.53
C ILE A 64 -2.98 28.21 -16.96
N TYR A 65 -3.37 27.41 -17.98
CA TYR A 65 -2.52 26.36 -18.49
C TYR A 65 -1.21 26.92 -19.03
N ASN A 66 -1.27 27.91 -19.94
CA ASN A 66 -0.06 28.46 -20.54
C ASN A 66 0.91 29.08 -19.52
N ASP A 67 0.37 29.72 -18.48
CA ASP A 67 1.20 30.36 -17.47
C ASP A 67 1.83 29.37 -16.49
N ILE A 68 1.03 28.57 -15.78
CA ILE A 68 1.56 27.75 -14.70
C ILE A 68 1.64 26.24 -15.00
N VAL A 69 0.69 25.65 -15.75
CA VAL A 69 0.70 24.20 -15.97
C VAL A 69 1.68 23.74 -17.05
N PHE A 70 1.79 24.48 -18.18
CA PHE A 70 2.69 24.12 -19.29
C PHE A 70 4.11 23.70 -18.82
N PRO A 71 4.81 24.48 -17.96
CA PRO A 71 6.16 24.04 -17.52
C PRO A 71 6.17 22.69 -16.79
N LEU A 72 5.15 22.41 -15.98
CA LEU A 72 5.07 21.17 -15.23
C LEU A 72 4.89 19.98 -16.20
N VAL A 73 4.04 20.14 -17.21
CA VAL A 73 3.84 19.07 -18.20
C VAL A 73 5.12 18.83 -19.03
N GLU A 74 5.89 19.90 -19.28
CA GLU A 74 7.20 19.77 -19.93
C GLU A 74 8.13 18.92 -19.03
N ASN A 75 8.06 19.11 -17.70
CA ASN A 75 8.83 18.31 -16.74
C ASN A 75 8.42 16.83 -16.78
N VAL A 76 7.13 16.53 -16.93
CA VAL A 76 6.67 15.13 -17.02
C VAL A 76 7.25 14.45 -18.27
N ILE A 77 7.26 15.19 -19.39
CA ILE A 77 7.82 14.71 -20.66
C ILE A 77 9.31 14.35 -20.52
N GLU A 78 10.04 15.13 -19.68
CA GLU A 78 11.46 14.92 -19.32
C GLU A 78 11.72 13.71 -18.36
N GLY A 79 10.69 13.20 -17.70
CA GLY A 79 10.85 12.09 -16.77
C GLY A 79 10.49 12.38 -15.31
N TYR A 80 9.97 13.59 -15.02
CA TYR A 80 9.57 13.93 -13.66
C TYR A 80 8.17 13.40 -13.38
N ASN A 81 7.83 13.31 -12.09
CA ASN A 81 6.45 13.11 -11.66
C ASN A 81 5.88 14.55 -11.47
N GLY A 82 4.65 14.76 -11.91
CA GLY A 82 3.97 16.03 -11.77
C GLY A 82 2.55 15.84 -11.29
N THR A 83 2.05 16.75 -10.49
CA THR A 83 0.68 16.72 -10.01
C THR A 83 0.04 18.10 -10.06
N VAL A 84 -1.19 18.19 -10.57
CA VAL A 84 -1.99 19.40 -10.57
C VAL A 84 -3.25 19.02 -9.82
N PHE A 85 -3.58 19.72 -8.73
CA PHE A 85 -4.82 19.39 -8.00
C PHE A 85 -5.68 20.61 -7.78
N ALA A 86 -7.00 20.50 -8.06
CA ALA A 86 -7.93 21.61 -7.89
C ALA A 86 -8.61 21.47 -6.52
N TYR A 87 -8.55 22.54 -5.70
CA TYR A 87 -9.02 22.53 -4.32
C TYR A 87 -9.91 23.75 -4.04
N GLY A 88 -10.94 23.57 -3.25
CA GLY A 88 -11.84 24.67 -2.89
C GLY A 88 -13.24 24.21 -2.57
N GLN A 89 -14.05 25.15 -2.08
CA GLN A 89 -15.45 24.94 -1.68
C GLN A 89 -16.25 24.33 -2.82
N THR A 90 -17.34 23.60 -2.50
CA THR A 90 -18.25 23.08 -3.54
C THR A 90 -18.79 24.23 -4.43
N GLY A 91 -18.78 24.01 -5.74
CA GLY A 91 -19.24 24.98 -6.71
C GLY A 91 -18.26 26.11 -6.96
N SER A 92 -17.01 26.01 -6.44
CA SER A 92 -16.02 27.08 -6.65
C SER A 92 -15.39 27.08 -8.07
N GLY A 93 -15.37 25.94 -8.75
CA GLY A 93 -14.79 25.85 -10.10
C GLY A 93 -13.69 24.84 -10.30
N LYS A 94 -13.61 23.84 -9.43
CA LYS A 94 -12.58 22.77 -9.51
C LYS A 94 -12.76 21.91 -10.77
N THR A 95 -13.98 21.38 -11.01
CA THR A 95 -14.25 20.54 -12.18
C THR A 95 -14.18 21.37 -13.48
N PHE A 96 -14.65 22.60 -13.45
CA PHE A 96 -14.57 23.50 -14.59
C PHE A 96 -13.11 23.79 -14.94
N SER A 97 -12.27 23.98 -13.94
CA SER A 97 -10.85 24.21 -14.16
C SER A 97 -10.14 22.95 -14.70
N MET A 98 -10.53 21.76 -14.26
CA MET A 98 -9.87 20.52 -14.69
C MET A 98 -10.38 19.98 -16.04
N GLN A 99 -11.70 19.97 -16.23
CA GLN A 99 -12.30 19.49 -17.47
CA GLN A 99 -12.37 19.48 -17.45
C GLN A 99 -12.61 20.64 -18.45
N GLY A 100 -13.27 21.69 -17.97
CA GLY A 100 -13.60 22.85 -18.78
C GLY A 100 -14.71 22.56 -19.77
N ILE A 101 -14.78 23.37 -20.83
CA ILE A 101 -15.76 23.22 -21.91
C ILE A 101 -15.00 22.95 -23.20
N GLU A 102 -15.20 21.76 -23.76
CA GLU A 102 -14.48 21.30 -24.95
C GLU A 102 -14.68 22.16 -26.20
N THR A 103 -15.90 22.67 -26.41
CA THR A 103 -16.26 23.45 -27.59
C THR A 103 -15.78 24.92 -27.58
N ILE A 104 -15.33 25.45 -26.44
CA ILE A 104 -14.81 26.82 -26.41
C ILE A 104 -13.31 26.78 -26.21
N PRO A 105 -12.54 27.11 -27.27
CA PRO A 105 -11.07 26.98 -27.18
C PRO A 105 -10.40 27.55 -25.92
N ALA A 106 -10.73 28.80 -25.54
CA ALA A 106 -10.13 29.40 -24.35
C ALA A 106 -10.60 28.74 -23.03
N GLN A 107 -11.75 28.06 -23.06
CA GLN A 107 -12.37 27.44 -21.90
C GLN A 107 -12.08 25.97 -21.70
N ARG A 108 -11.25 25.35 -22.56
CA ARG A 108 -10.87 23.95 -22.36
C ARG A 108 -10.07 23.81 -21.06
N GLY A 109 -10.33 22.75 -20.29
CA GLY A 109 -9.68 22.54 -19.00
C GLY A 109 -8.26 22.02 -19.06
N VAL A 110 -7.63 21.85 -17.87
CA VAL A 110 -6.26 21.37 -17.71
C VAL A 110 -6.02 20.01 -18.35
N ILE A 111 -6.88 19.03 -18.03
CA ILE A 111 -6.81 17.67 -18.53
C ILE A 111 -6.75 17.58 -20.08
N PRO A 112 -7.74 18.10 -20.88
CA PRO A 112 -7.61 18.02 -22.36
C PRO A 112 -6.40 18.75 -22.93
N ARG A 113 -5.99 19.86 -22.26
CA ARG A 113 -4.79 20.58 -22.72
C ARG A 113 -3.51 19.74 -22.47
N ALA A 114 -3.46 19.01 -21.35
CA ALA A 114 -2.31 18.15 -21.03
C ALA A 114 -2.19 17.05 -22.09
N PHE A 115 -3.34 16.50 -22.56
CA PHE A 115 -3.31 15.47 -23.60
C PHE A 115 -2.67 16.02 -24.91
N ASP A 116 -3.11 17.21 -25.36
CA ASP A 116 -2.64 17.87 -26.58
C ASP A 116 -1.14 18.13 -26.50
N HIS A 117 -0.70 18.71 -25.37
CA HIS A 117 0.69 19.06 -25.11
C HIS A 117 1.59 17.78 -25.19
N ILE A 118 1.21 16.72 -24.47
CA ILE A 118 1.97 15.48 -24.48
C ILE A 118 2.10 14.88 -25.87
N PHE A 119 1.00 14.69 -26.58
CA PHE A 119 1.03 14.09 -27.92
C PHE A 119 1.71 15.00 -28.97
N THR A 120 1.72 16.34 -28.77
CA THR A 120 2.46 17.22 -29.71
C THR A 120 3.97 17.02 -29.45
N ALA A 121 4.37 16.93 -28.18
CA ALA A 121 5.77 16.68 -27.81
C ALA A 121 6.29 15.32 -28.30
N THR A 122 5.46 14.25 -28.21
CA THR A 122 5.85 12.92 -28.71
C THR A 122 5.94 12.94 -30.24
N ALA A 123 5.01 13.64 -30.92
CA ALA A 123 5.00 13.72 -32.37
C ALA A 123 6.20 14.50 -32.92
N THR A 124 6.74 15.46 -32.15
CA THR A 124 7.86 16.26 -32.60
C THR A 124 9.22 15.79 -32.03
N THR A 125 9.30 14.54 -31.53
CA THR A 125 10.53 13.93 -31.04
C THR A 125 10.71 12.62 -31.79
N GLU A 126 11.82 12.46 -32.50
CA GLU A 126 12.06 11.23 -33.24
C GLU A 126 13.13 10.35 -32.59
N ASN A 127 13.99 10.94 -31.74
CA ASN A 127 15.09 10.17 -31.14
C ASN A 127 14.73 9.57 -29.77
N VAL A 128 13.46 9.62 -29.38
CA VAL A 128 12.91 9.01 -28.17
C VAL A 128 11.60 8.35 -28.60
N LYS A 129 11.39 7.06 -28.25
CA LYS A 129 10.14 6.36 -28.54
C LYS A 129 9.29 6.49 -27.28
N PHE A 130 8.04 6.91 -27.39
CA PHE A 130 7.17 7.08 -26.24
C PHE A 130 6.00 6.13 -26.22
N LEU A 131 5.62 5.73 -25.02
CA LEU A 131 4.45 4.89 -24.73
C LEU A 131 3.68 5.65 -23.63
N VAL A 132 2.40 5.88 -23.90
CA VAL A 132 1.53 6.61 -23.01
C VAL A 132 0.39 5.71 -22.55
N HIS A 133 0.24 5.60 -21.23
CA HIS A 133 -0.83 4.85 -20.58
C HIS A 133 -1.61 5.82 -19.68
N CYS A 134 -2.88 5.53 -19.45
CA CYS A 134 -3.71 6.34 -18.57
C CYS A 134 -4.42 5.45 -17.57
N SER A 135 -4.65 5.99 -16.39
CA SER A 135 -5.49 5.36 -15.37
C SER A 135 -6.43 6.47 -14.84
N TYR A 136 -7.55 6.06 -14.26
CA TYR A 136 -8.53 7.01 -13.76
C TYR A 136 -9.25 6.38 -12.59
N LEU A 137 -9.10 7.00 -11.42
CA LEU A 137 -9.72 6.47 -10.21
C LEU A 137 -10.54 7.55 -9.47
N GLU A 138 -11.35 7.12 -8.50
CA GLU A 138 -12.06 8.00 -7.61
C GLU A 138 -11.96 7.49 -6.17
N ILE A 139 -11.96 8.40 -5.22
CA ILE A 139 -11.97 8.08 -3.80
C ILE A 139 -13.35 8.50 -3.36
N TYR A 140 -14.23 7.52 -3.17
CA TYR A 140 -15.61 7.73 -2.83
C TYR A 140 -15.91 7.04 -1.48
N ASN A 141 -16.33 7.82 -0.46
CA ASN A 141 -16.65 7.34 0.90
C ASN A 141 -15.53 6.42 1.45
N GLU A 142 -14.28 6.87 1.31
CA GLU A 142 -13.06 6.19 1.76
C GLU A 142 -12.81 4.85 1.08
N GLU A 143 -13.19 4.76 -0.18
CA GLU A 143 -12.94 3.58 -0.98
C GLU A 143 -12.31 4.05 -2.30
N VAL A 144 -11.20 3.42 -2.68
CA VAL A 144 -10.52 3.74 -3.94
C VAL A 144 -11.21 2.86 -5.00
N ARG A 145 -11.76 3.50 -6.04
CA ARG A 145 -12.44 2.78 -7.10
C ARG A 145 -11.91 3.17 -8.46
N ASP A 146 -11.82 2.20 -9.33
CA ASP A 146 -11.36 2.40 -10.69
C ASP A 146 -12.53 2.93 -11.54
N LEU A 147 -12.38 4.09 -12.20
CA LEU A 147 -13.46 4.63 -13.07
C LEU A 147 -13.43 4.04 -14.50
N LEU A 148 -12.34 3.33 -14.87
CA LEU A 148 -12.18 2.71 -16.20
C LEU A 148 -12.18 1.18 -16.15
N GLY A 149 -12.48 0.59 -15.01
CA GLY A 149 -12.42 -0.85 -14.84
C GLY A 149 -13.73 -1.52 -15.14
N ALA A 150 -13.82 -2.81 -14.80
CA ALA A 150 -15.05 -3.56 -15.04
C ALA A 150 -15.95 -3.49 -13.82
N ASP A 151 -15.37 -3.53 -12.61
CA ASP A 151 -16.18 -3.42 -11.40
C ASP A 151 -15.86 -2.10 -10.72
N ASN A 152 -16.62 -1.05 -11.04
CA ASN A 152 -16.44 0.28 -10.44
C ASN A 152 -16.81 0.32 -8.93
N LYS A 153 -17.54 -0.71 -8.44
CA LYS A 153 -17.89 -0.86 -7.03
C LYS A 153 -16.83 -1.64 -6.23
N GLN A 154 -15.87 -2.31 -6.92
CA GLN A 154 -14.80 -3.06 -6.28
C GLN A 154 -13.79 -2.15 -5.62
N LYS A 155 -13.66 -2.26 -4.29
CA LYS A 155 -12.72 -1.47 -3.49
C LYS A 155 -11.29 -1.94 -3.79
N LEU A 156 -10.40 -1.00 -4.14
CA LEU A 156 -9.03 -1.35 -4.46
C LEU A 156 -8.10 -1.01 -3.28
N GLU A 157 -6.99 -1.77 -3.15
CA GLU A 157 -6.08 -1.56 -2.03
C GLU A 157 -4.86 -0.77 -2.38
N ILE A 158 -4.39 0.02 -1.44
CA ILE A 158 -3.21 0.84 -1.63
C ILE A 158 -1.96 0.04 -1.23
N LYS A 159 -0.90 0.13 -2.04
CA LYS A 159 0.39 -0.50 -1.78
C LYS A 159 1.50 0.57 -1.80
N GLU A 160 2.63 0.27 -1.16
CA GLU A 160 3.76 1.19 -1.14
C GLU A 160 5.03 0.43 -1.39
N GLN A 161 5.96 1.05 -2.10
CA GLN A 161 7.25 0.49 -2.51
C GLN A 161 8.19 1.67 -2.70
N PRO A 162 9.43 1.60 -2.20
CA PRO A 162 10.35 2.76 -2.35
C PRO A 162 10.56 3.26 -3.79
N ASP A 163 10.62 2.36 -4.77
CA ASP A 163 10.81 2.74 -6.17
C ASP A 163 9.53 3.14 -6.93
N ARG A 164 8.37 2.98 -6.32
CA ARG A 164 7.10 3.32 -6.96
C ARG A 164 6.27 4.37 -6.20
N GLY A 165 6.65 4.63 -4.97
CA GLY A 165 5.87 5.46 -4.07
C GLY A 165 4.60 4.72 -3.69
N VAL A 166 3.54 5.46 -3.46
CA VAL A 166 2.25 4.90 -3.11
C VAL A 166 1.49 4.65 -4.42
N TYR A 167 0.90 3.48 -4.58
CA TYR A 167 0.15 3.15 -5.79
C TYR A 167 -1.10 2.32 -5.46
N VAL A 168 -1.99 2.16 -6.43
CA VAL A 168 -3.20 1.39 -6.23
C VAL A 168 -3.03 0.06 -6.89
N ALA A 169 -3.16 -1.01 -6.10
CA ALA A 169 -3.02 -2.35 -6.62
C ALA A 169 -4.27 -2.78 -7.41
N GLY A 170 -4.07 -3.32 -8.61
CA GLY A 170 -5.17 -3.76 -9.46
C GLY A 170 -5.86 -2.64 -10.24
N LEU A 171 -5.29 -1.43 -10.23
CA LEU A 171 -5.84 -0.32 -10.99
C LEU A 171 -5.57 -0.57 -12.48
N SER A 172 -6.62 -0.54 -13.30
CA SER A 172 -6.46 -0.82 -14.73
C SER A 172 -5.67 0.29 -15.45
N MET A 173 -4.78 -0.13 -16.33
CA MET A 173 -3.90 0.74 -17.11
C MET A 173 -4.34 0.67 -18.60
N HIS A 174 -4.43 1.83 -19.29
CA HIS A 174 -4.93 1.85 -20.65
C HIS A 174 -3.99 2.53 -21.64
N VAL A 175 -3.52 1.78 -22.61
CA VAL A 175 -2.65 2.34 -23.66
C VAL A 175 -3.42 3.37 -24.50
N CYS A 176 -2.79 4.52 -24.73
CA CYS A 176 -3.36 5.60 -25.52
C CYS A 176 -2.40 5.98 -26.62
N HIS A 177 -2.76 5.66 -27.88
CA HIS A 177 -1.89 6.01 -29.00
C HIS A 177 -2.07 7.44 -29.51
N ASP A 178 -3.15 8.10 -29.11
CA ASP A 178 -3.45 9.46 -29.58
C ASP A 178 -4.39 10.22 -28.63
N VAL A 179 -4.61 11.53 -28.88
CA VAL A 179 -5.50 12.36 -28.08
C VAL A 179 -6.96 11.81 -28.04
N PRO A 180 -7.58 11.33 -29.15
CA PRO A 180 -8.92 10.72 -29.04
C PRO A 180 -8.99 9.55 -28.05
N ALA A 181 -7.95 8.69 -27.98
CA ALA A 181 -7.92 7.57 -27.01
C ALA A 181 -8.02 8.09 -25.57
N CYS A 182 -7.26 9.16 -25.24
CA CYS A 182 -7.27 9.78 -23.90
C CYS A 182 -8.68 10.32 -23.57
N LYS A 183 -9.29 11.02 -24.54
CA LYS A 183 -10.64 11.60 -24.47
C LYS A 183 -11.75 10.54 -24.29
N GLU A 184 -11.63 9.40 -24.96
CA GLU A 184 -12.58 8.29 -24.79
C GLU A 184 -12.54 7.79 -23.34
N LEU A 185 -11.32 7.70 -22.71
CA LEU A 185 -11.18 7.28 -21.32
C LEU A 185 -11.78 8.32 -20.39
N MET A 186 -11.48 9.59 -20.67
CA MET A 186 -11.99 10.69 -19.86
CA MET A 186 -11.99 10.72 -19.91
C MET A 186 -13.53 10.71 -19.88
N THR A 187 -14.17 10.43 -21.05
CA THR A 187 -15.62 10.38 -21.21
C THR A 187 -16.18 9.21 -20.41
N ARG A 188 -15.62 7.99 -20.61
CA ARG A 188 -16.05 6.79 -19.91
C ARG A 188 -15.96 6.98 -18.38
N GLY A 189 -14.83 7.52 -17.92
CA GLY A 189 -14.61 7.81 -16.52
C GLY A 189 -15.56 8.83 -15.92
N PHE A 190 -15.92 9.89 -16.69
CA PHE A 190 -16.88 10.92 -16.30
C PHE A 190 -18.25 10.30 -16.03
N ASN A 191 -18.67 9.35 -16.88
CA ASN A 191 -19.97 8.69 -16.71
C ASN A 191 -20.02 7.82 -15.46
N ASN A 192 -18.87 7.29 -15.01
CA ASN A 192 -18.82 6.44 -13.83
C ASN A 192 -18.60 7.17 -12.51
N ARG A 193 -18.14 8.43 -12.56
CA ARG A 193 -17.83 9.19 -11.35
C ARG A 193 -19.07 9.51 -10.52
N HIS A 194 -18.94 9.37 -9.19
CA HIS A 194 -20.05 9.63 -8.30
C HIS A 194 -20.30 11.14 -8.24
N VAL A 195 -21.49 11.55 -8.69
CA VAL A 195 -21.93 12.94 -8.76
C VAL A 195 -23.33 13.07 -8.08
N GLY A 196 -23.77 14.29 -7.78
CA GLY A 196 -25.05 14.51 -7.12
C GLY A 196 -25.39 15.97 -7.05
N ALA A 197 -26.68 16.28 -7.04
CA ALA A 197 -27.14 17.66 -6.98
C ALA A 197 -27.34 18.15 -5.55
N THR A 198 -26.89 19.39 -5.27
CA THR A 198 -27.15 20.12 -4.03
C THR A 198 -27.52 21.59 -4.42
N LEU A 199 -28.01 22.40 -3.47
CA LEU A 199 -28.31 23.81 -3.74
C LEU A 199 -27.02 24.62 -4.07
N MET A 200 -25.82 24.12 -3.69
CA MET A 200 -24.55 24.79 -3.96
C MET A 200 -23.94 24.44 -5.32
N ASN A 201 -24.27 23.26 -5.86
CA ASN A 201 -23.81 22.81 -7.16
C ASN A 201 -24.72 21.69 -7.64
N LYS A 202 -25.47 21.94 -8.72
CA LYS A 202 -26.34 20.92 -9.31
C LYS A 202 -25.55 19.74 -9.91
N ASP A 203 -24.25 19.95 -10.21
CA ASP A 203 -23.37 18.93 -10.77
C ASP A 203 -22.17 18.66 -9.85
N SER A 204 -22.44 18.51 -8.54
CA SER A 204 -21.40 18.31 -7.54
C SER A 204 -20.65 16.97 -7.65
N SER A 205 -19.32 17.01 -7.60
CA SER A 205 -18.48 15.83 -7.60
C SER A 205 -18.53 15.23 -6.18
N ARG A 206 -19.08 14.04 -6.04
CA ARG A 206 -19.24 13.41 -4.72
C ARG A 206 -18.06 12.51 -4.31
N SER A 207 -16.93 12.63 -5.00
CA SER A 207 -15.72 11.84 -4.81
C SER A 207 -14.51 12.65 -5.25
N HIS A 208 -13.30 12.25 -4.83
CA HIS A 208 -12.11 12.92 -5.33
C HIS A 208 -11.65 12.10 -6.53
N SER A 209 -11.33 12.72 -7.67
CA SER A 209 -10.86 11.94 -8.82
C SER A 209 -9.40 12.21 -9.18
N ILE A 210 -8.72 11.16 -9.65
CA ILE A 210 -7.34 11.28 -10.09
C ILE A 210 -7.19 10.65 -11.50
N PHE A 211 -6.87 11.47 -12.50
CA PHE A 211 -6.60 10.97 -13.86
C PHE A 211 -5.10 10.98 -13.98
N THR A 212 -4.47 9.82 -14.20
CA THR A 212 -3.01 9.77 -14.28
C THR A 212 -2.57 9.45 -15.70
N VAL A 213 -1.61 10.22 -16.22
CA VAL A 213 -1.04 9.95 -17.53
C VAL A 213 0.42 9.52 -17.30
N TYR A 214 0.78 8.31 -17.74
CA TYR A 214 2.13 7.75 -17.60
C TYR A 214 2.86 7.93 -18.95
N VAL A 215 3.99 8.61 -18.93
CA VAL A 215 4.77 8.92 -20.11
C VAL A 215 6.11 8.17 -20.01
N GLU A 216 6.26 7.07 -20.77
CA GLU A 216 7.51 6.31 -20.73
CA GLU A 216 7.48 6.28 -20.73
C GLU A 216 8.24 6.55 -22.02
N GLY A 217 9.50 6.96 -21.93
CA GLY A 217 10.30 7.26 -23.11
C GLY A 217 11.60 6.49 -23.22
N MET A 218 11.75 5.68 -24.28
CA MET A 218 12.95 4.91 -24.51
C MET A 218 13.87 5.76 -25.35
N THR A 219 14.98 6.18 -24.77
CA THR A 219 15.92 7.05 -25.44
C THR A 219 16.85 6.26 -26.36
N GLU A 220 17.56 6.96 -27.26
CA GLU A 220 18.55 6.31 -28.10
C GLU A 220 19.81 5.93 -27.31
N THR A 221 20.01 6.49 -26.11
CA THR A 221 21.15 6.13 -25.28
C THR A 221 20.79 4.93 -24.34
N GLY A 222 19.85 4.10 -24.77
CA GLY A 222 19.39 2.90 -24.08
C GLY A 222 18.25 3.06 -23.09
N SER A 223 18.43 3.99 -22.13
CA SER A 223 17.65 4.29 -20.94
C SER A 223 16.13 4.53 -21.14
N ILE A 224 15.37 4.32 -20.07
CA ILE A 224 13.92 4.46 -20.02
C ILE A 224 13.53 5.58 -19.06
N ARG A 225 12.89 6.67 -19.54
CA ARG A 225 12.40 7.77 -18.70
C ARG A 225 10.98 7.40 -18.29
N MET A 226 10.61 7.58 -17.02
CA MET A 226 9.30 7.20 -16.54
C MET A 226 8.57 8.37 -15.86
N GLY A 227 8.02 9.27 -16.66
CA GLY A 227 7.28 10.42 -16.19
C GLY A 227 5.84 10.06 -15.85
N LYS A 228 5.22 10.78 -14.92
CA LYS A 228 3.84 10.49 -14.54
C LYS A 228 3.14 11.79 -14.13
N LEU A 229 1.98 12.04 -14.71
CA LEU A 229 1.20 13.23 -14.44
C LEU A 229 -0.13 12.89 -13.75
N ASN A 230 -0.29 13.31 -12.50
CA ASN A 230 -1.55 13.14 -11.78
C ASN A 230 -2.39 14.41 -11.94
N LEU A 231 -3.60 14.27 -12.45
CA LEU A 231 -4.53 15.41 -12.65
C LEU A 231 -5.70 15.15 -11.68
N VAL A 232 -5.72 15.92 -10.60
CA VAL A 232 -6.60 15.70 -9.47
C VAL A 232 -7.74 16.69 -9.37
N ASP A 233 -8.98 16.19 -9.39
CA ASP A 233 -10.18 17.01 -9.22
C ASP A 233 -10.82 16.60 -7.86
N LEU A 234 -10.49 17.33 -6.79
CA LEU A 234 -11.01 17.00 -5.48
C LEU A 234 -12.50 17.35 -5.38
N ALA A 235 -13.18 16.70 -4.44
CA ALA A 235 -14.50 17.09 -4.00
C ALA A 235 -14.24 18.36 -3.10
N GLY A 236 -15.29 19.11 -2.80
CA GLY A 236 -15.15 20.35 -2.06
C GLY A 236 -15.84 20.43 -0.71
N SER A 237 -15.35 21.35 0.14
CA SER A 237 -15.94 21.53 1.47
C SER A 237 -17.37 22.07 1.30
N GLU A 238 -18.30 21.57 2.09
CA GLU A 238 -19.68 22.01 2.04
C GLU A 238 -20.35 21.99 3.41
N ARG A 239 -21.43 22.76 3.56
CA ARG A 239 -22.19 22.88 4.80
C ARG A 239 -23.65 22.52 4.53
N GLN A 240 -24.27 21.72 5.42
CA GLN A 240 -25.66 21.31 5.26
C GLN A 240 -26.64 22.49 5.14
N SER A 241 -26.40 23.59 5.87
CA SER A 241 -27.29 24.76 5.84
C SER A 241 -27.36 25.45 4.46
N LYS A 242 -26.34 25.25 3.61
CA LYS A 242 -26.26 25.84 2.28
C LYS A 242 -26.62 24.83 1.18
N THR A 243 -26.26 23.56 1.36
CA THR A 243 -26.52 22.54 0.35
C THR A 243 -27.93 21.98 0.39
N GLY A 244 -28.48 21.86 1.62
CA GLY A 244 -29.79 21.26 1.85
C GLY A 244 -29.77 19.74 1.71
N ALA A 245 -28.58 19.12 1.73
CA ALA A 245 -28.35 17.69 1.56
C ALA A 245 -28.97 16.81 2.65
N THR A 246 -29.60 15.72 2.22
CA THR A 246 -30.25 14.71 3.06
C THR A 246 -29.85 13.28 2.58
N GLY A 247 -30.11 12.27 3.41
CA GLY A 247 -29.83 10.87 3.10
C GLY A 247 -28.42 10.55 2.64
N ASP A 248 -28.31 9.86 1.49
CA ASP A 248 -27.01 9.45 0.93
C ASP A 248 -26.14 10.64 0.53
N ARG A 249 -26.77 11.74 0.07
CA ARG A 249 -26.06 12.97 -0.32
C ARG A 249 -25.34 13.55 0.89
N LEU A 250 -26.01 13.51 2.07
CA LEU A 250 -25.48 13.98 3.33
C LEU A 250 -24.38 13.06 3.82
N LYS A 251 -24.56 11.73 3.71
CA LYS A 251 -23.53 10.77 4.10
C LYS A 251 -22.23 10.99 3.31
N GLU A 252 -22.34 11.37 2.01
CA GLU A 252 -21.18 11.67 1.19
C GLU A 252 -20.48 12.90 1.74
N ALA A 253 -21.26 13.95 2.12
CA ALA A 253 -20.73 15.19 2.66
C ALA A 253 -19.86 14.99 3.90
N THR A 254 -20.28 14.11 4.84
CA THR A 254 -19.47 13.87 6.04
C THR A 254 -18.14 13.21 5.66
N LYS A 255 -18.14 12.25 4.71
CA LYS A 255 -16.87 11.61 4.28
C LYS A 255 -15.98 12.57 3.48
N ILE A 256 -16.59 13.47 2.68
CA ILE A 256 -15.87 14.44 1.86
C ILE A 256 -15.19 15.44 2.81
N ASN A 257 -15.97 16.01 3.75
CA ASN A 257 -15.46 16.96 4.75
C ASN A 257 -14.33 16.38 5.61
N LEU A 258 -14.46 15.12 6.07
CA LEU A 258 -13.41 14.47 6.85
C LEU A 258 -12.11 14.28 6.04
N SER A 259 -12.20 13.76 4.81
CA SER A 259 -11.02 13.59 3.95
C SER A 259 -10.36 14.94 3.62
N LEU A 260 -11.16 16.00 3.43
CA LEU A 260 -10.59 17.33 3.16
C LEU A 260 -9.96 17.93 4.44
N SER A 261 -10.51 17.61 5.63
CA SER A 261 -9.90 18.03 6.89
C SER A 261 -8.53 17.34 7.03
N ALA A 262 -8.42 16.05 6.62
CA ALA A 262 -7.17 15.30 6.65
C ALA A 262 -6.14 15.93 5.73
N LEU A 263 -6.55 16.40 4.54
CA LEU A 263 -5.65 17.08 3.60
C LEU A 263 -5.14 18.39 4.22
N GLY A 264 -6.03 19.12 4.86
CA GLY A 264 -5.64 20.34 5.56
C GLY A 264 -4.63 20.09 6.67
N ASN A 265 -4.84 19.01 7.42
CA ASN A 265 -3.94 18.60 8.51
C ASN A 265 -2.58 18.17 7.97
N VAL A 266 -2.54 17.50 6.79
CA VAL A 266 -1.28 17.13 6.17
C VAL A 266 -0.53 18.40 5.75
N ILE A 267 -1.22 19.34 5.10
CA ILE A 267 -0.65 20.63 4.65
C ILE A 267 -0.06 21.39 5.85
N SER A 268 -0.84 21.52 6.93
CA SER A 268 -0.42 22.22 8.15
C SER A 268 0.82 21.58 8.78
N ALA A 269 0.83 20.24 8.96
CA ALA A 269 1.94 19.51 9.55
C ALA A 269 3.23 19.64 8.73
N LEU A 270 3.08 19.65 7.40
CA LEU A 270 4.21 19.80 6.48
C LEU A 270 4.92 21.16 6.61
N VAL A 271 4.19 22.22 6.95
CA VAL A 271 4.78 23.55 7.04
C VAL A 271 4.88 24.16 8.48
N ASP A 272 4.48 23.44 9.56
CA ASP A 272 4.52 24.06 10.91
C ASP A 272 5.92 24.16 11.55
N GLY A 273 6.91 23.49 10.97
CA GLY A 273 8.29 23.54 11.44
C GLY A 273 8.55 22.81 12.76
N LYS A 274 7.68 21.85 13.11
CA LYS A 274 7.82 21.11 14.36
C LYS A 274 7.31 19.67 14.28
N SER A 275 6.43 19.37 13.31
CA SER A 275 5.86 18.05 13.09
C SER A 275 6.84 17.08 12.45
N LYS A 276 7.30 16.12 13.23
CA LYS A 276 8.20 15.05 12.82
C LYS A 276 7.43 14.02 11.96
N HIS A 277 6.16 13.77 12.28
CA HIS A 277 5.33 12.83 11.54
C HIS A 277 4.19 13.57 10.81
N ILE A 278 3.89 13.16 9.58
CA ILE A 278 2.83 13.78 8.78
C ILE A 278 1.66 12.80 8.73
N PRO A 279 0.42 13.25 9.00
CA PRO A 279 -0.72 12.31 9.04
C PRO A 279 -1.31 11.90 7.69
N TYR A 280 -0.49 11.33 6.80
CA TYR A 280 -0.92 10.88 5.47
C TYR A 280 -2.00 9.79 5.52
N ARG A 281 -1.97 8.92 6.52
CA ARG A 281 -2.91 7.79 6.58
C ARG A 281 -4.31 8.15 7.13
N ASP A 282 -4.58 9.43 7.44
CA ASP A 282 -5.91 9.83 7.94
C ASP A 282 -7.03 9.61 6.92
N SER A 283 -6.67 9.58 5.63
CA SER A 283 -7.63 9.32 4.56
C SER A 283 -6.95 8.66 3.38
N LYS A 284 -7.71 7.94 2.55
CA LYS A 284 -7.19 7.37 1.30
C LYS A 284 -6.67 8.51 0.38
N LEU A 285 -7.30 9.71 0.47
CA LEU A 285 -6.93 10.88 -0.33
C LEU A 285 -5.48 11.30 -0.05
N THR A 286 -5.14 11.51 1.23
CA THR A 286 -3.81 11.95 1.60
C THR A 286 -2.77 10.87 1.39
N ARG A 287 -3.15 9.58 1.43
CA ARG A 287 -2.20 8.51 1.13
C ARG A 287 -1.86 8.57 -0.37
N LEU A 288 -2.87 8.79 -1.23
CA LEU A 288 -2.65 8.89 -2.67
C LEU A 288 -2.01 10.23 -3.11
N LEU A 289 -2.16 11.28 -2.29
CA LEU A 289 -1.49 12.57 -2.55
C LEU A 289 -0.14 12.68 -1.80
N GLN A 290 0.28 11.65 -1.07
CA GLN A 290 1.47 11.64 -0.21
C GLN A 290 2.76 12.03 -0.93
N ASP A 291 3.03 11.41 -2.10
CA ASP A 291 4.22 11.73 -2.89
C ASP A 291 4.13 13.14 -3.49
N SER A 292 2.91 13.65 -3.74
CA SER A 292 2.74 15.00 -4.28
C SER A 292 2.93 16.08 -3.23
N LEU A 293 2.77 15.78 -1.93
CA LEU A 293 2.93 16.80 -0.88
C LEU A 293 4.07 16.39 0.06
N GLY A 294 5.26 16.84 -0.29
CA GLY A 294 6.48 16.54 0.45
C GLY A 294 7.40 15.51 -0.19
N GLY A 295 7.01 14.95 -1.34
CA GLY A 295 7.81 13.91 -1.99
C GLY A 295 8.47 14.23 -3.32
N ASN A 296 8.66 13.16 -4.13
CA ASN A 296 9.35 13.16 -5.44
C ASN A 296 8.46 13.62 -6.59
N THR A 297 7.91 14.85 -6.48
CA THR A 297 6.96 15.37 -7.45
C THR A 297 7.05 16.90 -7.58
N LYS A 298 6.80 17.41 -8.79
CA LYS A 298 6.61 18.82 -9.07
C LYS A 298 5.08 19.02 -8.93
N THR A 299 4.64 19.85 -7.96
CA THR A 299 3.20 19.99 -7.70
C THR A 299 2.65 21.41 -7.82
N ILE A 300 1.41 21.51 -8.32
CA ILE A 300 0.66 22.75 -8.44
C ILE A 300 -0.72 22.56 -7.84
N MET A 301 -1.11 23.49 -6.96
CA MET A 301 -2.46 23.55 -6.41
C MET A 301 -3.19 24.68 -7.13
N ILE A 302 -4.39 24.40 -7.62
CA ILE A 302 -5.25 25.43 -8.20
C ILE A 302 -6.37 25.60 -7.18
N ALA A 303 -6.26 26.64 -6.33
CA ALA A 303 -7.26 26.94 -5.31
C ALA A 303 -8.39 27.79 -5.92
N CYS A 304 -9.58 27.21 -6.02
CA CYS A 304 -10.74 27.88 -6.61
C CYS A 304 -11.60 28.54 -5.54
N VAL A 305 -12.07 29.78 -5.80
CA VAL A 305 -12.90 30.54 -4.85
C VAL A 305 -14.13 31.21 -5.50
N SER A 306 -15.17 31.38 -4.70
CA SER A 306 -16.38 32.10 -5.07
C SER A 306 -16.08 33.60 -4.92
N PRO A 307 -16.67 34.46 -5.77
CA PRO A 307 -16.47 35.91 -5.57
C PRO A 307 -17.42 36.52 -4.53
N SER A 308 -18.44 35.77 -4.09
CA SER A 308 -19.51 36.25 -3.22
C SER A 308 -19.19 36.43 -1.74
N SER A 309 -19.79 37.48 -1.17
CA SER A 309 -19.69 37.82 0.25
C SER A 309 -20.32 36.73 1.12
N ASP A 310 -21.32 35.99 0.60
CA ASP A 310 -21.98 34.89 1.31
C ASP A 310 -21.00 33.76 1.65
N ASN A 311 -19.95 33.58 0.83
CA ASN A 311 -18.95 32.53 1.03
C ASN A 311 -17.64 33.04 1.60
N TYR A 312 -17.66 34.17 2.34
CA TYR A 312 -16.46 34.76 2.96
C TYR A 312 -15.68 33.74 3.79
N ASP A 313 -16.36 33.01 4.70
CA ASP A 313 -15.71 32.03 5.58
C ASP A 313 -15.08 30.88 4.79
N GLU A 314 -15.81 30.29 3.85
CA GLU A 314 -15.29 29.18 3.05
C GLU A 314 -14.12 29.62 2.14
N THR A 315 -14.19 30.83 1.58
CA THR A 315 -13.13 31.37 0.73
C THR A 315 -11.89 31.64 1.58
N LEU A 316 -12.08 32.18 2.80
CA LEU A 316 -10.95 32.44 3.71
C LEU A 316 -10.20 31.16 4.04
N SER A 317 -10.96 30.07 4.27
CA SER A 317 -10.36 28.77 4.56
C SER A 317 -9.52 28.29 3.39
N THR A 318 -10.05 28.38 2.14
CA THR A 318 -9.32 27.98 0.92
C THR A 318 -8.02 28.75 0.81
N LEU A 319 -8.10 30.08 0.99
CA LEU A 319 -6.92 30.95 0.92
C LEU A 319 -5.86 30.67 2.00
N ARG A 320 -6.29 30.35 3.23
CA ARG A 320 -5.34 30.06 4.31
C ARG A 320 -4.60 28.74 4.02
N TYR A 321 -5.33 27.71 3.54
CA TYR A 321 -4.67 26.44 3.22
C TYR A 321 -3.79 26.54 1.97
N ALA A 322 -4.20 27.37 1.00
CA ALA A 322 -3.41 27.61 -0.21
C ALA A 322 -2.13 28.36 0.16
N ASN A 323 -2.24 29.33 1.10
CA ASN A 323 -1.12 30.12 1.58
C ASN A 323 -0.09 29.22 2.29
N ARG A 324 -0.57 28.24 3.06
CA ARG A 324 0.26 27.24 3.72
C ARG A 324 0.93 26.29 2.70
N ALA A 325 0.16 25.79 1.71
CA ALA A 325 0.64 24.86 0.67
C ALA A 325 1.84 25.37 -0.12
N LYS A 326 1.93 26.70 -0.35
CA LYS A 326 3.06 27.29 -1.07
C LYS A 326 4.41 27.17 -0.32
N ASN A 327 4.38 26.74 0.95
CA ASN A 327 5.58 26.51 1.74
C ASN A 327 5.96 25.00 1.83
N ILE A 328 5.17 24.10 1.25
CA ILE A 328 5.49 22.68 1.26
C ILE A 328 6.72 22.47 0.36
N LYS A 329 7.75 21.79 0.87
CA LYS A 329 8.97 21.52 0.14
C LYS A 329 9.01 20.09 -0.42
N ASN A 330 9.14 19.99 -1.73
CA ASN A 330 9.25 18.71 -2.46
C ASN A 330 10.68 18.54 -2.98
N LYS A 331 11.07 17.30 -3.26
CA LYS A 331 12.39 17.03 -3.86
C LYS A 331 12.24 16.21 -5.13
N PRO A 332 11.74 16.83 -6.23
CA PRO A 332 11.55 16.06 -7.46
C PRO A 332 12.85 15.75 -8.18
N THR A 333 12.96 14.54 -8.71
CA THR A 333 14.10 14.09 -9.50
C THR A 333 13.59 13.38 -10.76
N ILE A 334 14.43 13.31 -11.81
CA ILE A 334 14.05 12.61 -13.04
C ILE A 334 14.06 11.11 -12.79
N ASN A 335 12.97 10.43 -13.17
CA ASN A 335 12.85 8.99 -13.01
C ASN A 335 13.36 8.36 -14.32
N GLU A 336 14.60 7.81 -14.28
CA GLU A 336 15.21 7.26 -15.50
C GLU A 336 16.03 5.98 -15.26
N ASP A 337 15.44 4.81 -15.61
CA ASP A 337 16.07 3.47 -15.52
C ASP A 337 17.01 3.19 -16.70
N PRO A 338 18.33 3.15 -16.48
CA PRO A 338 19.23 2.76 -17.57
C PRO A 338 19.12 1.25 -17.84
N LEU A 339 19.18 0.84 -19.13
CA LEU A 339 19.12 -0.55 -19.60
C LEU A 339 18.35 -1.54 -18.70
N ALA B 2 -17.09 -13.90 0.29
CA ALA B 2 -16.83 -15.31 -0.06
C ALA B 2 -15.45 -15.80 0.46
N ALA B 3 -15.19 -17.12 0.43
CA ALA B 3 -13.93 -17.68 0.90
C ALA B 3 -12.79 -17.32 -0.05
N GLU B 4 -11.59 -17.16 0.50
CA GLU B 4 -10.41 -16.88 -0.30
C GLU B 4 -9.31 -17.89 0.00
N SER B 5 -8.50 -18.18 -1.01
CA SER B 5 -7.42 -19.14 -0.88
C SER B 5 -6.25 -18.60 -0.06
N VAL B 6 -5.51 -19.53 0.56
CA VAL B 6 -4.25 -19.22 1.22
C VAL B 6 -3.26 -18.86 0.09
N ARG B 7 -2.46 -17.80 0.26
CA ARG B 7 -1.50 -17.41 -0.77
C ARG B 7 -0.14 -18.09 -0.54
N VAL B 8 0.51 -18.56 -1.64
CA VAL B 8 1.75 -19.31 -1.54
C VAL B 8 2.85 -18.72 -2.44
N ALA B 9 4.03 -18.52 -1.87
CA ALA B 9 5.18 -18.07 -2.64
C ALA B 9 6.32 -19.06 -2.41
N VAL B 10 7.11 -19.31 -3.45
CA VAL B 10 8.25 -20.22 -3.35
C VAL B 10 9.54 -19.40 -3.42
N ARG B 11 10.50 -19.67 -2.56
CA ARG B 11 11.79 -19.00 -2.59
C ARG B 11 12.94 -20.01 -2.73
N CYS B 12 13.73 -19.89 -3.79
CA CYS B 12 14.87 -20.75 -4.02
C CYS B 12 16.12 -19.95 -3.67
N ARG B 13 16.88 -20.40 -2.68
CA ARG B 13 18.07 -19.71 -2.23
C ARG B 13 19.29 -20.05 -3.11
N PRO B 14 20.43 -19.31 -3.01
CA PRO B 14 21.63 -19.72 -3.77
C PRO B 14 22.20 -21.02 -3.18
N PHE B 15 23.11 -21.66 -3.92
CA PHE B 15 23.72 -22.91 -3.45
C PHE B 15 24.49 -22.71 -2.16
N ASN B 16 24.55 -23.74 -1.31
CA ASN B 16 25.35 -23.69 -0.10
C ASN B 16 26.69 -24.46 -0.33
N GLN B 17 27.61 -24.40 0.64
CA GLN B 17 28.92 -25.01 0.49
C GLN B 17 28.89 -26.53 0.33
N ARG B 18 28.01 -27.25 1.07
CA ARG B 18 27.93 -28.71 0.92
C ARG B 18 27.47 -29.08 -0.49
N GLU B 19 26.49 -28.35 -1.04
CA GLU B 19 26.02 -28.60 -2.40
C GLU B 19 27.10 -28.36 -3.46
N LYS B 20 27.97 -27.36 -3.25
CA LYS B 20 29.07 -27.11 -4.19
C LYS B 20 30.17 -28.19 -4.06
N ASP B 21 30.47 -28.63 -2.83
CA ASP B 21 31.46 -29.68 -2.56
C ASP B 21 31.05 -31.02 -3.15
N LEU B 22 29.74 -31.31 -3.11
CA LEU B 22 29.15 -32.53 -3.66
C LEU B 22 29.06 -32.50 -5.22
N ASN B 23 29.36 -31.34 -5.85
CA ASN B 23 29.33 -31.09 -7.30
C ASN B 23 27.93 -31.29 -7.87
N THR B 24 26.93 -30.82 -7.15
CA THR B 24 25.54 -30.96 -7.56
C THR B 24 25.18 -29.96 -8.67
N THR B 25 24.02 -30.19 -9.33
CA THR B 25 23.58 -29.31 -10.40
C THR B 25 22.30 -28.56 -10.02
N LEU B 26 21.99 -27.50 -10.76
CA LEU B 26 20.79 -26.71 -10.52
C LEU B 26 19.59 -27.48 -11.06
N CYS B 27 18.67 -27.87 -10.18
CA CYS B 27 17.48 -28.60 -10.60
C CYS B 27 16.20 -27.75 -10.50
N VAL B 28 16.29 -26.50 -10.01
CA VAL B 28 15.13 -25.63 -9.90
C VAL B 28 15.17 -24.55 -10.97
N GLY B 29 14.03 -24.37 -11.64
CA GLY B 29 13.86 -23.33 -12.65
C GLY B 29 12.69 -22.44 -12.29
N MET B 30 12.70 -21.18 -12.75
CA MET B 30 11.60 -20.27 -12.43
C MET B 30 11.33 -19.25 -13.53
N THR B 31 10.06 -18.82 -13.63
CA THR B 31 9.65 -17.74 -14.51
C THR B 31 8.87 -16.86 -13.55
N PRO B 32 9.58 -15.94 -12.85
CA PRO B 32 8.93 -15.16 -11.79
C PRO B 32 7.72 -14.31 -12.15
N ASN B 33 7.73 -13.65 -13.32
CA ASN B 33 6.60 -12.79 -13.71
C ASN B 33 5.26 -13.53 -13.91
N VAL B 34 5.28 -14.86 -13.94
CA VAL B 34 4.06 -15.65 -14.05
C VAL B 34 3.89 -16.67 -12.87
N GLY B 35 4.73 -16.56 -11.84
CA GLY B 35 4.69 -17.41 -10.65
C GLY B 35 5.06 -18.86 -10.91
N GLN B 36 5.71 -19.14 -12.04
CA GLN B 36 6.05 -20.51 -12.40
C GLN B 36 7.35 -21.02 -11.79
N VAL B 37 7.31 -22.28 -11.34
CA VAL B 37 8.44 -23.00 -10.75
C VAL B 37 8.47 -24.39 -11.39
N ASN B 38 9.66 -24.84 -11.78
CA ASN B 38 9.81 -26.18 -12.31
C ASN B 38 10.93 -26.91 -11.56
N LEU B 39 10.76 -28.21 -11.38
CA LEU B 39 11.74 -29.05 -10.72
C LEU B 39 12.17 -30.11 -11.72
N ASN B 40 13.48 -30.19 -12.02
CA ASN B 40 13.99 -31.13 -13.02
C ASN B 40 14.63 -32.35 -12.41
N ALA B 41 14.22 -33.52 -12.89
CA ALA B 41 14.79 -34.78 -12.43
C ALA B 41 16.12 -35.03 -13.16
N PRO B 42 16.98 -35.94 -12.66
CA PRO B 42 18.27 -36.17 -13.32
C PRO B 42 18.19 -36.51 -14.82
N ASP B 43 17.15 -37.25 -15.24
CA ASP B 43 16.96 -37.60 -16.65
C ASP B 43 16.58 -36.40 -17.54
N GLY B 44 16.00 -35.36 -16.95
CA GLY B 44 15.60 -34.16 -17.67
C GLY B 44 14.11 -33.85 -17.63
N ALA B 45 13.29 -34.80 -17.17
CA ALA B 45 11.84 -34.61 -17.07
C ALA B 45 11.51 -33.53 -16.02
N ALA B 46 10.59 -32.60 -16.35
CA ALA B 46 10.25 -31.53 -15.44
C ALA B 46 8.83 -31.61 -14.90
N LYS B 47 8.66 -31.15 -13.65
CA LYS B 47 7.37 -31.06 -12.98
C LYS B 47 7.09 -29.55 -12.82
N ASP B 48 6.02 -29.09 -13.46
CA ASP B 48 5.68 -27.67 -13.48
C ASP B 48 4.62 -27.32 -12.43
N PHE B 49 4.79 -26.16 -11.79
CA PHE B 49 3.89 -25.65 -10.76
C PHE B 49 3.65 -24.15 -10.95
N THR B 50 2.51 -23.65 -10.45
CA THR B 50 2.24 -22.21 -10.46
C THR B 50 1.90 -21.76 -9.04
N PHE B 51 2.50 -20.66 -8.61
CA PHE B 51 2.29 -20.10 -7.28
C PHE B 51 2.01 -18.59 -7.37
N ASP B 52 1.59 -17.98 -6.25
CA ASP B 52 1.34 -16.54 -6.18
C ASP B 52 2.62 -15.71 -6.28
N GLY B 53 3.75 -16.30 -5.92
CA GLY B 53 5.07 -15.69 -6.05
C GLY B 53 6.13 -16.74 -6.30
N ALA B 54 7.12 -16.41 -7.12
CA ALA B 54 8.25 -17.29 -7.40
C ALA B 54 9.48 -16.40 -7.30
N TYR B 55 10.35 -16.69 -6.33
CA TYR B 55 11.53 -15.90 -6.05
C TYR B 55 12.77 -16.76 -6.20
N PHE B 56 13.69 -16.37 -7.11
CA PHE B 56 14.88 -17.18 -7.40
C PHE B 56 16.10 -16.79 -6.54
N MET B 57 17.28 -17.37 -6.82
CA MET B 57 18.53 -17.23 -6.08
C MET B 57 19.00 -15.78 -5.85
N ASP B 58 18.58 -14.85 -6.68
CA ASP B 58 18.92 -13.41 -6.54
C ASP B 58 17.89 -12.60 -5.73
N SER B 59 16.76 -13.21 -5.37
CA SER B 59 15.69 -12.53 -4.66
C SER B 59 16.09 -11.96 -3.29
N THR B 60 15.45 -10.85 -2.92
CA THR B 60 15.72 -10.19 -1.65
C THR B 60 14.49 -10.20 -0.78
N GLY B 61 14.69 -10.04 0.53
CA GLY B 61 13.60 -9.93 1.49
C GLY B 61 12.75 -8.71 1.19
N GLU B 62 13.37 -7.64 0.69
CA GLU B 62 12.66 -6.41 0.32
C GLU B 62 11.62 -6.69 -0.76
N GLN B 63 12.04 -7.41 -1.83
CA GLN B 63 11.17 -7.81 -2.92
C GLN B 63 10.01 -8.65 -2.41
N ILE B 64 10.31 -9.70 -1.66
CA ILE B 64 9.27 -10.60 -1.14
C ILE B 64 8.26 -9.87 -0.28
N TYR B 65 8.75 -9.09 0.70
CA TYR B 65 7.90 -8.31 1.56
C TYR B 65 7.03 -7.33 0.76
N ASN B 66 7.64 -6.49 -0.09
CA ASN B 66 6.88 -5.49 -0.85
C ASN B 66 5.84 -6.10 -1.77
N ASP B 67 6.13 -7.26 -2.37
CA ASP B 67 5.20 -7.91 -3.29
C ASP B 67 4.05 -8.62 -2.59
N ILE B 68 4.33 -9.60 -1.70
CA ILE B 68 3.28 -10.43 -1.14
C ILE B 68 2.93 -10.16 0.31
N VAL B 69 3.89 -9.77 1.18
CA VAL B 69 3.59 -9.61 2.61
C VAL B 69 2.93 -8.26 2.94
N PHE B 70 3.41 -7.15 2.33
CA PHE B 70 2.87 -5.81 2.58
C PHE B 70 1.30 -5.76 2.61
N PRO B 71 0.58 -6.33 1.60
CA PRO B 71 -0.89 -6.29 1.66
C PRO B 71 -1.46 -6.99 2.89
N LEU B 72 -0.87 -8.11 3.31
CA LEU B 72 -1.37 -8.85 4.48
C LEU B 72 -1.21 -8.02 5.75
N VAL B 73 -0.06 -7.34 5.91
CA VAL B 73 0.18 -6.51 7.09
C VAL B 73 -0.77 -5.30 7.09
N GLU B 74 -1.11 -4.77 5.89
CA GLU B 74 -2.12 -3.71 5.75
C GLU B 74 -3.47 -4.25 6.25
N ASN B 75 -3.78 -5.52 5.93
CA ASN B 75 -5.03 -6.14 6.41
C ASN B 75 -5.06 -6.22 7.94
N VAL B 76 -3.92 -6.56 8.60
CA VAL B 76 -3.86 -6.64 10.07
C VAL B 76 -4.12 -5.28 10.67
N ILE B 77 -3.53 -4.23 10.07
CA ILE B 77 -3.71 -2.84 10.52
C ILE B 77 -5.20 -2.43 10.46
N GLU B 78 -5.96 -3.00 9.51
CA GLU B 78 -7.38 -2.73 9.35
C GLU B 78 -8.31 -3.63 10.19
N GLY B 79 -7.76 -4.59 10.92
CA GLY B 79 -8.56 -5.43 11.80
C GLY B 79 -8.63 -6.90 11.47
N TYR B 80 -7.93 -7.35 10.43
CA TYR B 80 -7.93 -8.77 10.09
C TYR B 80 -6.92 -9.53 10.92
N ASN B 81 -7.07 -10.86 10.97
CA ASN B 81 -6.03 -11.73 11.48
C ASN B 81 -5.19 -12.11 10.22
N GLY B 82 -3.87 -12.12 10.38
CA GLY B 82 -2.96 -12.50 9.31
C GLY B 82 -1.88 -13.45 9.82
N THR B 83 -1.46 -14.38 8.98
CA THR B 83 -0.39 -15.31 9.32
C THR B 83 0.57 -15.49 8.13
N VAL B 84 1.88 -15.41 8.39
CA VAL B 84 2.91 -15.69 7.39
C VAL B 84 3.70 -16.83 8.01
N PHE B 85 3.82 -17.96 7.31
CA PHE B 85 4.61 -19.08 7.84
C PHE B 85 5.64 -19.56 6.84
N ALA B 86 6.89 -19.75 7.27
CA ALA B 86 7.96 -20.24 6.39
C ALA B 86 8.07 -21.77 6.57
N TYR B 87 8.04 -22.50 5.45
CA TYR B 87 8.01 -23.97 5.43
C TYR B 87 9.03 -24.51 4.42
N GLY B 88 9.66 -25.62 4.76
CA GLY B 88 10.62 -26.26 3.87
C GLY B 88 11.67 -27.06 4.60
N GLN B 89 12.48 -27.80 3.85
CA GLN B 89 13.56 -28.65 4.34
C GLN B 89 14.53 -27.86 5.21
N THR B 90 15.24 -28.52 6.14
CA THR B 90 16.28 -27.86 6.94
C THR B 90 17.34 -27.21 6.01
N GLY B 91 17.72 -25.98 6.36
CA GLY B 91 18.70 -25.22 5.59
C GLY B 91 18.17 -24.64 4.30
N SER B 92 16.84 -24.70 4.06
CA SER B 92 16.28 -24.14 2.82
C SER B 92 16.17 -22.60 2.80
N GLY B 93 16.09 -21.96 3.97
CA GLY B 93 16.00 -20.50 4.04
C GLY B 93 14.81 -19.94 4.79
N LYS B 94 14.17 -20.75 5.66
CA LYS B 94 13.01 -20.32 6.47
C LYS B 94 13.38 -19.21 7.46
N THR B 95 14.45 -19.40 8.27
CA THR B 95 14.87 -18.42 9.25
C THR B 95 15.43 -17.17 8.56
N PHE B 96 16.16 -17.35 7.47
CA PHE B 96 16.71 -16.23 6.70
C PHE B 96 15.57 -15.39 6.10
N SER B 97 14.50 -16.04 5.66
CA SER B 97 13.34 -15.35 5.13
C SER B 97 12.57 -14.60 6.25
N MET B 98 12.40 -15.22 7.44
CA MET B 98 11.64 -14.58 8.52
C MET B 98 12.43 -13.54 9.35
N GLN B 99 13.70 -13.79 9.63
CA GLN B 99 14.62 -12.94 10.40
C GLN B 99 15.50 -12.11 9.47
N GLY B 100 16.21 -12.76 8.55
CA GLY B 100 17.14 -12.12 7.63
C GLY B 100 18.37 -11.54 8.30
N ILE B 101 19.04 -10.60 7.62
CA ILE B 101 20.21 -9.94 8.17
C ILE B 101 19.84 -8.51 8.48
N GLU B 102 19.90 -8.12 9.76
CA GLU B 102 19.48 -6.81 10.21
C GLU B 102 20.27 -5.65 9.63
N THR B 103 21.57 -5.81 9.43
CA THR B 103 22.43 -4.75 8.94
C THR B 103 22.37 -4.48 7.42
N ILE B 104 21.77 -5.39 6.63
CA ILE B 104 21.66 -5.16 5.19
C ILE B 104 20.21 -4.88 4.83
N PRO B 105 19.91 -3.62 4.47
CA PRO B 105 18.51 -3.24 4.21
C PRO B 105 17.69 -4.15 3.30
N ALA B 106 18.22 -4.56 2.13
CA ALA B 106 17.49 -5.46 1.23
C ALA B 106 17.30 -6.87 1.79
N GLN B 107 18.18 -7.29 2.73
CA GLN B 107 18.17 -8.64 3.29
C GLN B 107 17.42 -8.79 4.60
N ARG B 108 16.84 -7.70 5.17
CA ARG B 108 16.07 -7.82 6.42
C ARG B 108 14.86 -8.72 6.17
N GLY B 109 14.54 -9.56 7.13
CA GLY B 109 13.46 -10.54 7.01
C GLY B 109 12.09 -9.99 7.26
N VAL B 110 11.07 -10.84 7.09
CA VAL B 110 9.67 -10.50 7.22
C VAL B 110 9.31 -9.85 8.56
N ILE B 111 9.75 -10.47 9.67
CA ILE B 111 9.48 -10.00 11.04
C ILE B 111 9.95 -8.53 11.27
N PRO B 112 11.23 -8.16 11.10
CA PRO B 112 11.60 -6.75 11.33
C PRO B 112 10.89 -5.75 10.38
N ARG B 113 10.59 -6.15 9.13
CA ARG B 113 9.86 -5.27 8.21
C ARG B 113 8.43 -5.09 8.65
N ALA B 114 7.78 -6.15 9.21
CA ALA B 114 6.42 -6.04 9.73
C ALA B 114 6.39 -5.00 10.87
N PHE B 115 7.43 -4.96 11.73
CA PHE B 115 7.50 -3.99 12.82
C PHE B 115 7.56 -2.56 12.27
N ASP B 116 8.44 -2.33 11.28
CA ASP B 116 8.62 -1.02 10.65
C ASP B 116 7.32 -0.55 9.98
N HIS B 117 6.66 -1.42 9.21
CA HIS B 117 5.41 -1.14 8.51
C HIS B 117 4.32 -0.72 9.55
N ILE B 118 4.10 -1.55 10.59
CA ILE B 118 3.09 -1.24 11.62
C ILE B 118 3.36 0.10 12.30
N PHE B 119 4.57 0.32 12.81
CA PHE B 119 4.87 1.55 13.51
C PHE B 119 4.93 2.80 12.59
N THR B 120 5.23 2.63 11.29
CA THR B 120 5.16 3.78 10.36
C THR B 120 3.68 4.14 10.15
N ALA B 121 2.81 3.11 10.02
CA ALA B 121 1.36 3.33 9.85
C ALA B 121 0.76 4.01 11.08
N THR B 122 1.16 3.59 12.32
CA THR B 122 0.64 4.22 13.57
C THR B 122 1.13 5.67 13.69
N ALA B 123 2.39 5.90 13.31
CA ALA B 123 2.98 7.24 13.38
C ALA B 123 2.36 8.23 12.37
N THR B 124 1.85 7.72 11.24
CA THR B 124 1.27 8.57 10.22
C THR B 124 -0.27 8.57 10.23
N THR B 125 -0.89 8.12 11.35
CA THR B 125 -2.34 8.12 11.52
C THR B 125 -2.63 8.89 12.80
N GLU B 126 -3.44 9.94 12.70
CA GLU B 126 -3.83 10.70 13.87
C GLU B 126 -5.30 10.49 14.25
N ASN B 127 -6.13 9.98 13.33
CA ASN B 127 -7.55 9.79 13.61
C ASN B 127 -7.92 8.39 14.07
N VAL B 128 -6.92 7.55 14.36
CA VAL B 128 -7.05 6.22 14.94
C VAL B 128 -5.97 6.12 16.03
N LYS B 129 -6.34 5.71 17.27
CA LYS B 129 -5.38 5.50 18.36
C LYS B 129 -5.03 4.01 18.34
N PHE B 130 -3.75 3.66 18.35
CA PHE B 130 -3.34 2.27 18.31
C PHE B 130 -2.63 1.78 19.57
N LEU B 131 -2.81 0.51 19.90
CA LEU B 131 -2.13 -0.18 20.99
C LEU B 131 -1.54 -1.45 20.36
N VAL B 132 -0.24 -1.64 20.53
CA VAL B 132 0.46 -2.77 19.96
C VAL B 132 1.07 -3.62 21.09
N HIS B 133 0.83 -4.93 21.05
CA HIS B 133 1.42 -5.88 21.98
C HIS B 133 2.13 -6.96 21.16
N CYS B 134 3.09 -7.67 21.79
CA CYS B 134 3.83 -8.76 21.13
CA CYS B 134 3.70 -8.79 21.12
C CYS B 134 3.97 -9.94 22.07
N SER B 135 3.94 -11.15 21.53
CA SER B 135 4.21 -12.39 22.24
C SER B 135 5.17 -13.20 21.35
N TYR B 136 5.95 -14.10 21.96
CA TYR B 136 6.91 -14.90 21.23
C TYR B 136 7.07 -16.22 21.95
N LEU B 137 6.66 -17.29 21.28
CA LEU B 137 6.75 -18.64 21.80
C LEU B 137 7.50 -19.55 20.83
N GLU B 138 7.94 -20.71 21.33
CA GLU B 138 8.53 -21.78 20.54
C GLU B 138 7.87 -23.11 20.96
N ILE B 139 7.76 -24.03 20.02
CA ILE B 139 7.21 -25.35 20.27
C ILE B 139 8.42 -26.23 20.13
N TYR B 140 8.97 -26.63 21.28
CA TYR B 140 10.18 -27.40 21.36
C TYR B 140 9.87 -28.76 22.00
N ASN B 141 9.73 -29.81 21.15
CA ASN B 141 9.46 -31.21 21.51
C ASN B 141 8.04 -31.43 22.09
N GLU B 142 6.99 -31.04 21.32
CA GLU B 142 5.56 -31.08 21.69
C GLU B 142 5.30 -30.35 23.04
N GLU B 143 6.16 -29.34 23.38
CA GLU B 143 6.11 -28.49 24.57
C GLU B 143 6.19 -27.00 24.16
N VAL B 144 5.38 -26.14 24.78
CA VAL B 144 5.35 -24.71 24.47
C VAL B 144 6.23 -23.91 25.43
N ARG B 145 7.19 -23.14 24.91
CA ARG B 145 8.07 -22.33 25.76
C ARG B 145 7.92 -20.87 25.40
N ASP B 146 7.81 -20.00 26.39
CA ASP B 146 7.74 -18.58 26.17
C ASP B 146 9.18 -18.11 25.95
N LEU B 147 9.47 -17.46 24.83
CA LEU B 147 10.81 -16.96 24.55
C LEU B 147 11.09 -15.56 25.14
N LEU B 148 10.07 -14.91 25.69
CA LEU B 148 10.18 -13.59 26.31
C LEU B 148 9.80 -13.58 27.81
N GLY B 149 9.62 -14.76 28.40
CA GLY B 149 9.17 -14.86 29.79
C GLY B 149 10.31 -14.90 30.77
N ALA B 150 9.98 -15.19 32.03
CA ALA B 150 10.98 -15.27 33.09
C ALA B 150 11.57 -16.69 33.16
N ASP B 151 10.72 -17.72 33.03
CA ASP B 151 11.21 -19.10 33.02
C ASP B 151 11.02 -19.67 31.61
N ASN B 152 12.07 -19.53 30.77
CA ASN B 152 12.05 -20.03 29.40
C ASN B 152 11.99 -21.58 29.32
N LYS B 153 12.32 -22.26 30.42
CA LYS B 153 12.25 -23.72 30.52
C LYS B 153 10.88 -24.22 31.00
N GLN B 154 10.02 -23.31 31.53
CA GLN B 154 8.69 -23.66 32.03
C GLN B 154 7.75 -24.00 30.90
N LYS B 155 7.26 -25.24 30.88
CA LYS B 155 6.32 -25.71 29.88
C LYS B 155 4.95 -25.01 30.06
N LEU B 156 4.46 -24.35 29.00
CA LEU B 156 3.15 -23.70 29.01
C LEU B 156 2.13 -24.63 28.34
N GLU B 157 0.90 -24.61 28.83
CA GLU B 157 -0.15 -25.45 28.27
C GLU B 157 -1.04 -24.73 27.28
N ILE B 158 -1.55 -25.46 26.30
CA ILE B 158 -2.48 -24.90 25.32
C ILE B 158 -3.90 -25.06 25.83
N LYS B 159 -4.70 -23.99 25.70
CA LYS B 159 -6.10 -24.00 26.13
C LYS B 159 -6.99 -23.59 24.95
N GLU B 160 -8.25 -23.97 25.00
CA GLU B 160 -9.23 -23.62 23.99
C GLU B 160 -10.48 -23.12 24.68
N GLN B 161 -11.10 -22.11 24.09
CA GLN B 161 -12.34 -21.50 24.58
C GLN B 161 -13.02 -20.90 23.36
N PRO B 162 -14.33 -21.13 23.18
CA PRO B 162 -15.01 -20.57 21.99
C PRO B 162 -14.99 -19.04 21.90
N GLY B 165 -10.02 -18.16 21.22
CA GLY B 165 -9.94 -19.41 20.47
C GLY B 165 -8.88 -20.30 21.06
N VAL B 166 -7.95 -20.79 20.22
CA VAL B 166 -6.84 -21.60 20.76
C VAL B 166 -5.81 -20.59 21.28
N TYR B 167 -5.37 -20.75 22.54
CA TYR B 167 -4.38 -19.83 23.11
C TYR B 167 -3.37 -20.55 24.00
N VAL B 168 -2.26 -19.89 24.30
CA VAL B 168 -1.26 -20.47 25.21
C VAL B 168 -1.47 -19.87 26.60
N ALA B 169 -1.79 -20.72 27.60
CA ALA B 169 -2.02 -20.26 28.97
C ALA B 169 -0.71 -19.78 29.61
N GLY B 170 -0.75 -18.56 30.13
CA GLY B 170 0.37 -17.95 30.81
C GLY B 170 1.42 -17.35 29.90
N LEU B 171 1.13 -17.26 28.57
CA LEU B 171 2.05 -16.66 27.60
C LEU B 171 2.17 -15.15 27.89
N SER B 172 3.42 -14.65 28.06
CA SER B 172 3.61 -13.24 28.38
C SER B 172 3.33 -12.32 27.20
N MET B 173 2.63 -11.21 27.49
CA MET B 173 2.26 -10.18 26.52
C MET B 173 3.09 -8.93 26.80
N HIS B 174 3.65 -8.36 25.75
CA HIS B 174 4.55 -7.23 25.91
C HIS B 174 4.08 -5.99 25.14
N VAL B 175 3.71 -4.91 25.86
CA VAL B 175 3.30 -3.67 25.20
C VAL B 175 4.51 -3.08 24.46
N CYS B 176 4.33 -2.72 23.21
CA CYS B 176 5.40 -2.13 22.41
C CYS B 176 5.02 -0.74 21.96
N HIS B 177 5.69 0.30 22.49
CA HIS B 177 5.39 1.68 22.08
C HIS B 177 6.12 2.10 20.82
N ASP B 178 7.20 1.40 20.45
CA ASP B 178 7.98 1.77 19.28
C ASP B 178 8.80 0.60 18.74
N VAL B 179 9.43 0.80 17.56
CA VAL B 179 10.27 -0.20 16.91
C VAL B 179 11.45 -0.63 17.82
N PRO B 180 12.20 0.27 18.51
CA PRO B 180 13.27 -0.21 19.42
C PRO B 180 12.75 -1.24 20.44
N ALA B 181 11.53 -1.06 20.99
CA ALA B 181 10.97 -2.03 21.93
C ALA B 181 10.73 -3.38 21.25
N CYS B 182 10.23 -3.38 20.01
CA CYS B 182 9.99 -4.61 19.24
C CYS B 182 11.35 -5.30 18.97
N LYS B 183 12.38 -4.52 18.61
CA LYS B 183 13.74 -5.00 18.33
C LYS B 183 14.38 -5.63 19.56
N GLU B 184 14.17 -5.04 20.75
CA GLU B 184 14.69 -5.60 22.00
C GLU B 184 14.07 -6.97 22.23
N LEU B 185 12.75 -7.08 22.04
CA LEU B 185 12.04 -8.34 22.20
C LEU B 185 12.46 -9.40 21.20
N MET B 186 12.70 -9.00 19.93
CA MET B 186 13.14 -9.96 18.90
CA MET B 186 13.13 -10.00 18.94
C MET B 186 14.55 -10.47 19.26
N THR B 187 15.49 -9.55 19.65
CA THR B 187 16.86 -9.94 20.04
C THR B 187 16.84 -10.96 21.19
N ARG B 188 16.04 -10.68 22.23
CA ARG B 188 15.89 -11.53 23.41
C ARG B 188 15.34 -12.90 23.04
N GLY B 189 14.26 -12.94 22.27
CA GLY B 189 13.65 -14.19 21.84
C GLY B 189 14.56 -15.09 21.03
N PHE B 190 15.37 -14.50 20.10
CA PHE B 190 16.32 -15.26 19.26
CA PHE B 190 16.29 -15.31 19.28
C PHE B 190 17.36 -15.95 20.15
N ASN B 191 17.85 -15.25 21.20
CA ASN B 191 18.86 -15.85 22.09
C ASN B 191 18.28 -17.02 22.89
N ASN B 192 16.96 -17.03 23.14
CA ASN B 192 16.31 -18.10 23.87
C ASN B 192 15.79 -19.23 22.97
N ARG B 193 15.77 -19.03 21.65
CA ARG B 193 15.26 -20.03 20.71
C ARG B 193 16.25 -21.19 20.56
N HIS B 194 15.73 -22.42 20.72
CA HIS B 194 16.53 -23.64 20.64
C HIS B 194 17.10 -23.84 19.25
N VAL B 195 18.42 -23.85 19.19
CA VAL B 195 19.19 -23.98 17.96
C VAL B 195 20.23 -25.12 18.14
N GLY B 196 20.66 -25.70 17.03
CA GLY B 196 21.64 -26.78 17.05
C GLY B 196 22.29 -26.95 15.70
N ALA B 197 23.54 -27.43 15.69
CA ALA B 197 24.26 -27.61 14.45
C ALA B 197 24.11 -29.03 13.91
N THR B 198 23.91 -29.14 12.60
CA THR B 198 23.90 -30.41 11.83
C THR B 198 24.71 -30.16 10.52
N LEU B 199 25.02 -31.23 9.76
CA LEU B 199 25.72 -31.06 8.48
C LEU B 199 24.85 -30.33 7.44
N MET B 200 23.52 -30.28 7.62
CA MET B 200 22.58 -29.61 6.72
C MET B 200 22.40 -28.13 7.03
N ASN B 201 22.62 -27.73 8.29
CA ASN B 201 22.51 -26.34 8.73
C ASN B 201 23.24 -26.18 10.06
N LYS B 202 24.36 -25.43 10.05
CA LYS B 202 25.10 -25.17 11.31
C LYS B 202 24.27 -24.33 12.32
N ASP B 203 23.24 -23.60 11.84
CA ASP B 203 22.37 -22.77 12.68
C ASP B 203 20.90 -23.24 12.59
N SER B 204 20.68 -24.56 12.70
CA SER B 204 19.34 -25.13 12.58
C SER B 204 18.40 -24.79 13.72
N SER B 205 17.16 -24.39 13.38
CA SER B 205 16.10 -24.10 14.36
C SER B 205 15.54 -25.44 14.82
N ARG B 206 15.73 -25.76 16.10
CA ARG B 206 15.27 -27.04 16.64
C ARG B 206 13.87 -27.01 17.22
N SER B 207 13.11 -25.92 16.96
CA SER B 207 11.74 -25.67 17.42
C SER B 207 10.95 -24.88 16.35
N HIS B 208 9.62 -24.87 16.43
CA HIS B 208 8.76 -24.08 15.57
C HIS B 208 8.51 -22.81 16.35
N SER B 209 8.80 -21.63 15.80
CA SER B 209 8.55 -20.39 16.55
C SER B 209 7.39 -19.57 16.00
N ILE B 210 6.67 -18.89 16.89
CA ILE B 210 5.57 -18.01 16.52
C ILE B 210 5.73 -16.63 17.22
N PHE B 211 5.99 -15.59 16.43
CA PHE B 211 6.07 -14.23 16.95
C PHE B 211 4.73 -13.59 16.59
N THR B 212 3.92 -13.19 17.59
CA THR B 212 2.62 -12.61 17.31
C THR B 212 2.61 -11.12 17.63
N VAL B 213 2.10 -10.30 16.72
CA VAL B 213 1.94 -8.86 16.95
C VAL B 213 0.43 -8.57 17.00
N TYR B 214 -0.07 -8.04 18.09
CA TYR B 214 -1.48 -7.73 18.29
C TYR B 214 -1.66 -6.20 18.04
N VAL B 215 -2.53 -5.84 17.10
CA VAL B 215 -2.76 -4.44 16.71
C VAL B 215 -4.20 -4.05 17.03
N GLU B 216 -4.40 -3.25 18.08
CA GLU B 216 -5.74 -2.80 18.46
C GLU B 216 -5.89 -1.32 18.09
N GLY B 217 -6.95 -0.99 17.37
CA GLY B 217 -7.19 0.38 16.94
C GLY B 217 -8.54 0.91 17.37
N MET B 218 -8.53 2.13 17.93
CA MET B 218 -9.76 2.82 18.32
C MET B 218 -9.97 3.97 17.33
N THR B 219 -11.03 3.91 16.50
CA THR B 219 -11.29 4.93 15.47
C THR B 219 -11.94 6.20 16.03
N GLU B 220 -11.94 7.31 15.26
CA GLU B 220 -12.56 8.55 15.73
C GLU B 220 -14.09 8.47 15.85
N THR B 221 -14.74 7.39 15.39
CA THR B 221 -16.17 7.20 15.69
C THR B 221 -16.40 6.34 16.97
N GLY B 222 -15.33 5.84 17.56
CA GLY B 222 -15.41 5.03 18.76
C GLY B 222 -15.26 3.54 18.50
N SER B 223 -15.44 3.08 17.23
CA SER B 223 -15.32 1.64 16.97
C SER B 223 -13.90 1.06 17.25
N ILE B 224 -13.85 -0.19 17.64
CA ILE B 224 -12.60 -0.86 17.99
C ILE B 224 -12.36 -2.03 17.05
N ARG B 225 -11.12 -2.19 16.63
CA ARG B 225 -10.73 -3.33 15.84
C ARG B 225 -9.53 -4.02 16.46
N MET B 226 -9.41 -5.31 16.22
CA MET B 226 -8.35 -6.09 16.81
C MET B 226 -7.73 -7.05 15.78
N GLY B 227 -6.63 -6.63 15.20
CA GLY B 227 -5.90 -7.42 14.24
C GLY B 227 -4.80 -8.20 14.94
N LYS B 228 -4.52 -9.42 14.45
CA LYS B 228 -3.46 -10.26 15.02
C LYS B 228 -2.53 -10.79 13.89
N LEU B 229 -1.23 -10.49 13.95
CA LEU B 229 -0.28 -11.00 12.97
C LEU B 229 0.60 -12.09 13.56
N ASN B 230 0.45 -13.31 13.07
CA ASN B 230 1.30 -14.44 13.46
C ASN B 230 2.44 -14.58 12.45
N LEU B 231 3.68 -14.50 12.92
CA LEU B 231 4.86 -14.65 12.06
C LEU B 231 5.53 -15.96 12.51
N VAL B 232 5.37 -17.00 11.68
CA VAL B 232 5.77 -18.36 12.00
C VAL B 232 7.02 -18.84 11.27
N ASP B 233 8.04 -19.24 12.04
CA ASP B 233 9.28 -19.80 11.50
C ASP B 233 9.31 -21.30 11.93
N LEU B 234 8.82 -22.18 11.04
CA LEU B 234 8.79 -23.59 11.35
C LEU B 234 10.20 -24.20 11.34
N ALA B 235 10.35 -25.32 12.06
CA ALA B 235 11.53 -26.16 11.93
C ALA B 235 11.31 -26.90 10.56
N GLY B 236 12.36 -27.53 10.06
CA GLY B 236 12.28 -28.18 8.74
C GLY B 236 12.46 -29.68 8.73
N SER B 237 11.96 -30.31 7.66
CA SER B 237 12.11 -31.76 7.51
C SER B 237 13.59 -32.09 7.32
N GLU B 238 14.05 -33.17 7.97
CA GLU B 238 15.43 -33.58 7.86
C GLU B 238 15.60 -35.08 7.93
N ARG B 239 16.73 -35.58 7.39
CA ARG B 239 17.05 -37.00 7.33
C ARG B 239 18.39 -37.24 8.03
N GLN B 240 18.47 -38.28 8.88
CA GLN B 240 19.70 -38.60 9.61
C GLN B 240 20.91 -38.83 8.69
N SER B 241 20.71 -39.45 7.51
CA SER B 241 21.81 -39.72 6.58
C SER B 241 22.50 -38.46 6.03
N LYS B 242 21.81 -37.32 6.07
CA LYS B 242 22.33 -36.03 5.58
C LYS B 242 22.78 -35.12 6.72
N THR B 243 22.08 -35.16 7.85
CA THR B 243 22.41 -34.31 8.99
C THR B 243 23.57 -34.83 9.85
N GLY B 244 23.63 -36.16 9.98
CA GLY B 244 24.60 -36.83 10.84
C GLY B 244 24.30 -36.68 12.32
N ALA B 245 23.04 -36.29 12.65
CA ALA B 245 22.55 -36.04 14.00
C ALA B 245 22.55 -37.27 14.90
N THR B 246 23.02 -37.07 16.14
CA THR B 246 23.09 -38.09 17.20
C THR B 246 22.53 -37.49 18.53
N GLY B 247 22.26 -38.36 19.50
CA GLY B 247 21.77 -37.98 20.82
C GLY B 247 20.57 -37.06 20.85
N ASP B 248 20.67 -35.94 21.60
CA ASP B 248 19.58 -34.97 21.74
C ASP B 248 19.19 -34.30 20.42
N ARG B 249 20.18 -34.07 19.54
CA ARG B 249 19.94 -33.47 18.22
C ARG B 249 19.02 -34.37 17.39
N LEU B 250 19.24 -35.70 17.48
CA LEU B 250 18.45 -36.71 16.80
C LEU B 250 17.04 -36.78 17.42
N LYS B 251 16.95 -36.74 18.76
CA LYS B 251 15.65 -36.76 19.44
C LYS B 251 14.77 -35.58 19.00
N GLU B 252 15.38 -34.41 18.76
CA GLU B 252 14.65 -33.23 18.28
C GLU B 252 14.11 -33.51 16.87
N ALA B 253 14.95 -34.12 16.01
CA ALA B 253 14.56 -34.46 14.63
C ALA B 253 13.31 -35.33 14.56
N THR B 254 13.18 -36.35 15.41
CA THR B 254 12.00 -37.22 15.39
C THR B 254 10.73 -36.41 15.77
N LYS B 255 10.82 -35.52 16.77
CA LYS B 255 9.66 -34.69 17.15
C LYS B 255 9.32 -33.64 16.08
N ILE B 256 10.34 -33.07 15.43
CA ILE B 256 10.16 -32.07 14.38
C ILE B 256 9.46 -32.73 13.19
N ASN B 257 9.98 -33.89 12.74
CA ASN B 257 9.41 -34.65 11.63
C ASN B 257 7.95 -35.08 11.89
N LEU B 258 7.64 -35.54 13.11
CA LEU B 258 6.25 -35.92 13.45
C LEU B 258 5.29 -34.72 13.41
N SER B 259 5.66 -33.58 14.02
CA SER B 259 4.80 -32.39 14.00
C SER B 259 4.62 -31.85 12.57
N LEU B 260 5.68 -31.94 11.73
CA LEU B 260 5.58 -31.51 10.33
C LEU B 260 4.71 -32.49 9.51
N SER B 261 4.72 -33.80 9.88
CA SER B 261 3.84 -34.77 9.23
C SER B 261 2.38 -34.42 9.55
N ALA B 262 2.10 -33.99 10.80
CA ALA B 262 0.76 -33.58 11.22
C ALA B 262 0.29 -32.36 10.43
N LEU B 263 1.19 -31.38 10.20
CA LEU B 263 0.86 -30.20 9.40
C LEU B 263 0.54 -30.61 7.94
N GLY B 264 1.33 -31.53 7.40
CA GLY B 264 1.09 -32.04 6.05
C GLY B 264 -0.27 -32.72 5.93
N ASN B 265 -0.63 -33.48 6.96
CA ASN B 265 -1.92 -34.19 7.04
C ASN B 265 -3.09 -33.21 7.16
N VAL B 266 -2.91 -32.10 7.90
CA VAL B 266 -3.93 -31.07 7.99
C VAL B 266 -4.13 -30.41 6.60
N ILE B 267 -3.01 -30.02 5.94
CA ILE B 267 -3.05 -29.43 4.59
C ILE B 267 -3.77 -30.35 3.59
N SER B 268 -3.40 -31.63 3.58
CA SER B 268 -4.00 -32.62 2.68
C SER B 268 -5.49 -32.80 2.93
N ALA B 269 -5.91 -32.95 4.20
CA ALA B 269 -7.33 -33.14 4.57
C ALA B 269 -8.18 -31.92 4.19
N LEU B 270 -7.61 -30.71 4.35
CA LEU B 270 -8.29 -29.47 4.00
C LEU B 270 -8.61 -29.35 2.49
N VAL B 271 -7.81 -29.98 1.64
CA VAL B 271 -8.02 -29.84 0.16
C VAL B 271 -8.30 -31.18 -0.52
N ASP B 272 -8.46 -32.27 0.22
CA ASP B 272 -8.66 -33.61 -0.42
C ASP B 272 -10.09 -33.78 -0.94
N GLY B 273 -11.03 -32.93 -0.53
CA GLY B 273 -12.40 -32.97 -1.06
C GLY B 273 -13.22 -34.15 -0.58
N LYS B 274 -12.84 -34.76 0.54
CA LYS B 274 -13.59 -35.94 1.06
C LYS B 274 -13.57 -35.91 2.58
N SER B 275 -12.59 -35.23 3.16
CA SER B 275 -12.40 -35.17 4.62
C SER B 275 -13.36 -34.18 5.28
N LYS B 276 -14.30 -34.70 6.06
CA LYS B 276 -15.28 -33.95 6.83
C LYS B 276 -14.61 -33.36 8.10
N HIS B 277 -13.66 -34.10 8.70
CA HIS B 277 -12.94 -33.65 9.88
C HIS B 277 -11.46 -33.44 9.58
N ILE B 278 -10.86 -32.39 10.15
CA ILE B 278 -9.45 -32.04 9.92
C ILE B 278 -8.65 -32.40 11.17
N PRO B 279 -7.50 -33.09 11.04
CA PRO B 279 -6.77 -33.53 12.25
C PRO B 279 -5.87 -32.49 12.92
N TYR B 280 -6.45 -31.35 13.32
CA TYR B 280 -5.74 -30.26 14.02
C TYR B 280 -5.10 -30.69 15.34
N ARG B 281 -5.73 -31.62 16.09
CA ARG B 281 -5.21 -32.02 17.39
C ARG B 281 -4.04 -33.01 17.37
N ASP B 282 -3.56 -33.41 16.20
CA ASP B 282 -2.42 -34.35 16.11
C ASP B 282 -1.13 -33.78 16.71
N SER B 283 -1.00 -32.46 16.73
CA SER B 283 0.21 -31.82 17.26
C SER B 283 -0.17 -30.47 17.86
N LYS B 284 0.67 -29.98 18.79
CA LYS B 284 0.48 -28.64 19.35
C LYS B 284 0.60 -27.59 18.19
N LEU B 285 1.46 -27.88 17.17
CA LEU B 285 1.67 -27.01 16.02
C LEU B 285 0.37 -26.76 15.24
N THR B 286 -0.32 -27.82 14.86
CA THR B 286 -1.54 -27.69 14.08
C THR B 286 -2.70 -27.13 14.89
N ARG B 287 -2.70 -27.31 16.23
CA ARG B 287 -3.72 -26.70 17.07
C ARG B 287 -3.49 -25.17 17.07
N LEU B 288 -2.22 -24.72 17.17
CA LEU B 288 -1.91 -23.28 17.15
C LEU B 288 -2.02 -22.66 15.73
N LEU B 289 -1.87 -23.47 14.67
CA LEU B 289 -2.05 -22.98 13.28
C LEU B 289 -3.49 -23.20 12.77
N GLN B 290 -4.40 -23.74 13.60
CA GLN B 290 -5.75 -24.13 13.22
C GLN B 290 -6.56 -23.00 12.55
N ASP B 291 -6.61 -21.83 13.16
CA ASP B 291 -7.36 -20.70 12.58
C ASP B 291 -6.68 -20.16 11.31
N SER B 292 -5.35 -20.35 11.17
CA SER B 292 -4.64 -19.90 9.97
C SER B 292 -4.88 -20.83 8.77
N LEU B 293 -5.26 -22.10 9.00
CA LEU B 293 -5.47 -23.04 7.88
C LEU B 293 -6.90 -23.53 7.89
N GLY B 294 -7.75 -22.80 7.19
CA GLY B 294 -9.18 -23.08 7.09
C GLY B 294 -10.07 -22.15 7.89
N GLY B 295 -9.50 -21.20 8.63
CA GLY B 295 -10.31 -20.33 9.47
C GLY B 295 -10.36 -18.85 9.10
N ASN B 296 -10.54 -18.00 10.13
CA ASN B 296 -10.73 -16.54 10.08
C ASN B 296 -9.42 -15.78 9.97
N THR B 297 -8.63 -16.07 8.93
CA THR B 297 -7.30 -15.49 8.75
C THR B 297 -6.91 -15.34 7.28
N LYS B 298 -6.13 -14.28 6.97
CA LYS B 298 -5.49 -14.10 5.70
C LYS B 298 -4.10 -14.76 5.89
N THR B 299 -3.81 -15.81 5.12
CA THR B 299 -2.59 -16.58 5.31
C THR B 299 -1.68 -16.63 4.08
N ILE B 300 -0.37 -16.58 4.32
CA ILE B 300 0.66 -16.71 3.31
C ILE B 300 1.66 -17.77 3.78
N MET B 301 1.97 -18.73 2.90
CA MET B 301 3.01 -19.70 3.12
C MET B 301 4.20 -19.28 2.25
N ILE B 302 5.39 -19.21 2.85
CA ILE B 302 6.60 -18.97 2.10
C ILE B 302 7.32 -20.33 2.09
N ALA B 303 7.20 -21.07 1.00
CA ALA B 303 7.84 -22.37 0.84
C ALA B 303 9.29 -22.19 0.32
N CYS B 304 10.25 -22.51 1.16
CA CYS B 304 11.67 -22.36 0.83
C CYS B 304 12.27 -23.64 0.30
N VAL B 305 13.07 -23.54 -0.78
CA VAL B 305 13.72 -24.72 -1.41
C VAL B 305 15.21 -24.51 -1.71
N SER B 306 15.93 -25.64 -1.72
CA SER B 306 17.34 -25.70 -2.09
C SER B 306 17.40 -25.71 -3.63
N PRO B 307 18.42 -25.11 -4.25
CA PRO B 307 18.54 -25.21 -5.72
C PRO B 307 19.20 -26.52 -6.19
N SER B 308 19.79 -27.29 -5.27
CA SER B 308 20.60 -28.46 -5.57
C SER B 308 19.86 -29.74 -5.96
N SER B 309 20.47 -30.48 -6.90
CA SER B 309 20.00 -31.79 -7.36
C SER B 309 20.00 -32.83 -6.24
N ASP B 310 20.90 -32.67 -5.24
CA ASP B 310 21.00 -33.57 -4.08
C ASP B 310 19.70 -33.56 -3.25
N ASN B 311 18.99 -32.43 -3.23
CA ASN B 311 17.76 -32.29 -2.48
C ASN B 311 16.50 -32.37 -3.33
N TYR B 312 16.55 -33.08 -4.48
CA TYR B 312 15.40 -33.25 -5.36
C TYR B 312 14.16 -33.77 -4.63
N ASP B 313 14.29 -34.87 -3.87
CA ASP B 313 13.17 -35.47 -3.14
C ASP B 313 12.56 -34.53 -2.10
N GLU B 314 13.41 -33.89 -1.28
CA GLU B 314 12.93 -32.97 -0.25
C GLU B 314 12.27 -31.72 -0.85
N THR B 315 12.82 -31.20 -1.96
CA THR B 315 12.27 -30.04 -2.65
C THR B 315 10.92 -30.41 -3.27
N LEU B 316 10.81 -31.63 -3.86
CA LEU B 316 9.55 -32.08 -4.46
C LEU B 316 8.45 -32.14 -3.41
N SER B 317 8.79 -32.62 -2.20
CA SER B 317 7.83 -32.69 -1.10
C SER B 317 7.34 -31.29 -0.71
N THR B 318 8.26 -30.31 -0.56
CA THR B 318 7.91 -28.93 -0.24
C THR B 318 6.96 -28.36 -1.28
N LEU B 319 7.28 -28.54 -2.57
CA LEU B 319 6.46 -28.08 -3.69
C LEU B 319 5.07 -28.73 -3.77
N ARG B 320 4.97 -30.03 -3.47
CA ARG B 320 3.68 -30.71 -3.48
C ARG B 320 2.78 -30.18 -2.33
N TYR B 321 3.35 -29.98 -1.12
CA TYR B 321 2.55 -29.46 0.00
C TYR B 321 2.21 -27.99 -0.21
N ALA B 322 3.10 -27.22 -0.84
CA ALA B 322 2.86 -25.80 -1.17
C ALA B 322 1.75 -25.72 -2.23
N ASN B 323 1.79 -26.63 -3.22
CA ASN B 323 0.79 -26.71 -4.28
C ASN B 323 -0.59 -27.03 -3.72
N ARG B 324 -0.66 -27.93 -2.72
CA ARG B 324 -1.89 -28.25 -1.98
C ARG B 324 -2.37 -27.06 -1.13
N ALA B 325 -1.47 -26.39 -0.38
CA ALA B 325 -1.81 -25.27 0.49
C ALA B 325 -2.51 -24.09 -0.24
N LYS B 326 -2.16 -23.86 -1.54
CA LYS B 326 -2.80 -22.79 -2.33
C LYS B 326 -4.29 -23.06 -2.60
N ASN B 327 -4.78 -24.27 -2.31
CA ASN B 327 -6.20 -24.60 -2.44
C ASN B 327 -6.96 -24.55 -1.08
N ILE B 328 -6.28 -24.26 0.04
CA ILE B 328 -6.94 -24.16 1.34
C ILE B 328 -7.81 -22.90 1.31
N LYS B 329 -9.10 -23.04 1.64
CA LYS B 329 -10.04 -21.94 1.67
C LYS B 329 -10.25 -21.41 3.09
N ASN B 330 -9.96 -20.12 3.27
CA ASN B 330 -10.15 -19.41 4.52
C ASN B 330 -11.31 -18.42 4.37
N LYS B 331 -11.91 -17.99 5.49
CA LYS B 331 -12.96 -16.97 5.45
C LYS B 331 -12.58 -15.82 6.38
N PRO B 332 -11.59 -14.99 6.00
CA PRO B 332 -11.21 -13.88 6.89
C PRO B 332 -12.24 -12.74 6.89
N THR B 333 -12.48 -12.19 8.08
CA THR B 333 -13.37 -11.06 8.29
C THR B 333 -12.67 -10.06 9.23
N ILE B 334 -13.09 -8.79 9.19
CA ILE B 334 -12.53 -7.77 10.06
C ILE B 334 -13.06 -8.00 11.47
N ASN B 335 -12.17 -8.01 12.45
CA ASN B 335 -12.52 -8.20 13.85
C ASN B 335 -12.72 -6.77 14.37
N GLU B 336 -13.92 -6.23 14.17
CA GLU B 336 -14.21 -4.83 14.53
C GLU B 336 -15.62 -4.67 14.97
N ASP B 337 -15.82 -4.03 16.14
CA ASP B 337 -17.16 -3.77 16.65
C ASP B 337 -17.29 -2.30 17.10
N PRO B 338 -18.39 -1.63 16.72
CA PRO B 338 -18.57 -0.23 17.14
C PRO B 338 -19.02 -0.14 18.60
#